data_7YEE
#
_entry.id   7YEE
#
_cell.length_a   72.470
_cell.length_b   115.910
_cell.length_c   169.240
_cell.angle_alpha   90.00
_cell.angle_beta   90.00
_cell.angle_gamma   90.00
#
_symmetry.space_group_name_H-M   'P 21 21 21'
#
loop_
_entity.id
_entity.type
_entity.pdbx_description
1 polymer 'Deoxyribodipyrimidine photolyase'
2 polymer 'CPD photolesion containing DNA'
3 polymer 'complementary oligonucleotide to the CPD containing DNA'
4 polymer 'CPD photolesion containing DNA'
5 non-polymer 'FLAVIN-ADENINE DINUCLEOTIDE'
6 non-polymer 'SULFATE ION'
7 water water
#
loop_
_entity_poly.entity_id
_entity_poly.type
_entity_poly.pdbx_seq_one_letter_code
_entity_poly.pdbx_strand_id
1 'polypeptide(L)'
;MGSSHHHHHHSSGLVPRGSHMNPKRIRALKSGKQGDGPVVYWMSRDQRAEDNWALLFSRAIAKEANVPVVVVFCLTDEFL
EAGIRQYEFMLKGLQELEVSLSRKKIPSFFLRGDPGEKISRFVKDYNAGTLVTDFSPLRIKNQWIEKVISGISIPFFEVD
AHNVVPCWEASQKHEYAAHTFRPKLYALLPEFLEEFPELEPNSVTPELSAGAGMVETLSDVLETGVKALLPERALLKNKD
PLFEPWHFEPGEKAAKKVMESFIADRLDSYGALRNDPTKNMLSNLSPYLHFGQISSQRVVLEVEKAESNPGSKKAFLDEI
LIWKEISDNFCYYNPGYDGFESFPSWAKESLNAHRNDVRSHIYTLEEFEAGKTHDPLWNASQMELLSTGKMHGYTRMYWA
KKILEWSESPEKALEIAICLNDRYELDGRDPNGYAGIAWSIGGVHDRAWGEREVTGKIRYMSYEGCKRKFDVKLYIEKYS
AL
;
A,B
2 'polydeoxyribonucleotide' (DA)(DT)(DC)(DG)(DG)(DC)(TTD)(DC)(DG)(DC)(DG)(DC)(DA)(DA) C
3 'polydeoxyribonucleotide' (DT)(DG)(DC)(DG)(DC)(DG)(DA)(DA)(DG)(DC)(DC)(DG)(DA)(DT) D,F
4 'polydeoxyribonucleotide' (DA)(DT)(DC)(DG)(DG)(DC)(DT)(DT)(DC)(DG)(DC)(DG)(DC)(DA)(DA) E
#
loop_
_chem_comp.id
_chem_comp.type
_chem_comp.name
_chem_comp.formula
DA DNA linking 2'-DEOXYADENOSINE-5'-MONOPHOSPHATE 'C10 H14 N5 O6 P'
DC DNA linking 2'-DEOXYCYTIDINE-5'-MONOPHOSPHATE 'C9 H14 N3 O7 P'
DG DNA linking 2'-DEOXYGUANOSINE-5'-MONOPHOSPHATE 'C10 H14 N5 O7 P'
DT DNA linking THYMIDINE-5'-MONOPHOSPHATE 'C10 H15 N2 O8 P'
FAD non-polymer 'FLAVIN-ADENINE DINUCLEOTIDE' 'C27 H33 N9 O15 P2'
SO4 non-polymer 'SULFATE ION' 'O4 S -2'
TTD DNA linking 'CIS-SYN CYCLOBUTANE THYMINE DIMER' 'C20 H28 N4 O15 P2'
#
# COMPACT_ATOMS: atom_id res chain seq x y z
N PRO A 16 21.57 -24.83 -28.16
CA PRO A 16 22.51 -24.10 -29.01
C PRO A 16 23.97 -24.46 -28.72
N ARG A 17 24.40 -25.63 -29.18
CA ARG A 17 25.76 -26.12 -29.00
C ARG A 17 26.13 -26.19 -27.53
N GLY A 18 27.43 -26.20 -27.23
CA GLY A 18 27.90 -26.27 -25.86
C GLY A 18 27.97 -27.69 -25.32
N SER A 19 29.09 -28.04 -24.71
CA SER A 19 29.28 -29.37 -24.13
C SER A 19 28.97 -29.43 -22.64
N HIS A 20 29.11 -28.31 -21.93
CA HIS A 20 28.82 -28.23 -20.50
C HIS A 20 27.63 -27.29 -20.27
N MET A 21 26.63 -27.37 -21.14
CA MET A 21 25.46 -26.50 -21.06
C MET A 21 24.21 -27.35 -21.17
N ASN A 22 23.38 -27.31 -20.12
CA ASN A 22 22.09 -27.98 -20.18
C ASN A 22 21.11 -27.10 -20.96
N PRO A 23 20.50 -27.61 -22.04
CA PRO A 23 19.58 -26.78 -22.82
C PRO A 23 18.33 -26.37 -22.06
N LYS A 24 18.00 -27.05 -20.96
CA LYS A 24 16.80 -26.72 -20.21
C LYS A 24 16.93 -25.42 -19.43
N ARG A 25 18.15 -24.91 -19.26
CA ARG A 25 18.34 -23.63 -18.58
C ARG A 25 17.94 -22.45 -19.45
N ILE A 26 17.78 -22.67 -20.76
CA ILE A 26 17.42 -21.61 -21.69
C ILE A 26 16.02 -21.88 -22.23
N ARG A 27 15.31 -20.81 -22.54
CA ARG A 27 13.99 -20.91 -23.16
C ARG A 27 13.82 -19.70 -24.08
N ALA A 28 13.15 -19.92 -25.21
CA ALA A 28 13.03 -18.90 -26.24
C ALA A 28 11.82 -18.02 -25.96
N LEU A 29 12.07 -16.71 -25.81
CA LEU A 29 11.00 -15.74 -25.67
C LEU A 29 10.52 -15.21 -27.02
N LYS A 30 11.41 -15.19 -28.03
CA LYS A 30 11.06 -14.76 -29.37
C LYS A 30 11.93 -15.50 -30.36
N SER A 31 11.32 -15.94 -31.46
CA SER A 31 12.02 -16.66 -32.51
C SER A 31 12.09 -15.79 -33.76
N GLY A 32 13.25 -15.82 -34.41
CA GLY A 32 13.44 -15.03 -35.61
C GLY A 32 14.75 -15.36 -36.28
N LYS A 33 15.07 -14.57 -37.30
CA LYS A 33 16.30 -14.75 -38.05
C LYS A 33 17.47 -14.16 -37.25
N GLN A 34 18.48 -14.98 -36.98
CA GLN A 34 19.64 -14.52 -36.22
C GLN A 34 20.43 -13.51 -37.04
N GLY A 35 20.72 -12.37 -36.43
CA GLY A 35 21.47 -11.32 -37.10
C GLY A 35 22.96 -11.62 -37.18
N ASP A 36 23.65 -10.76 -37.92
CA ASP A 36 25.09 -10.91 -38.12
C ASP A 36 25.91 -10.12 -37.11
N GLY A 37 25.27 -9.44 -36.16
CA GLY A 37 25.98 -8.64 -35.20
C GLY A 37 26.33 -9.38 -33.92
N PRO A 38 26.94 -8.67 -32.98
CA PRO A 38 27.30 -9.31 -31.70
C PRO A 38 26.08 -9.73 -30.91
N VAL A 39 26.29 -10.71 -30.03
CA VAL A 39 25.25 -11.17 -29.12
C VAL A 39 25.26 -10.27 -27.89
N VAL A 40 24.12 -9.67 -27.58
CA VAL A 40 23.99 -8.72 -26.47
C VAL A 40 23.37 -9.43 -25.28
N TYR A 41 24.05 -9.36 -24.14
CA TYR A 41 23.55 -9.94 -22.90
C TYR A 41 22.94 -8.82 -22.05
N TRP A 42 21.66 -8.97 -21.72
CA TRP A 42 20.96 -8.00 -20.89
C TRP A 42 21.04 -8.48 -19.44
N MET A 43 21.85 -7.79 -18.64
CA MET A 43 22.07 -8.15 -17.25
C MET A 43 21.06 -7.41 -16.38
N SER A 44 20.25 -8.14 -15.64
CA SER A 44 19.27 -7.52 -14.75
C SER A 44 19.31 -8.06 -13.33
N ARG A 45 19.53 -9.37 -13.16
CA ARG A 45 19.47 -9.99 -11.85
C ARG A 45 20.78 -10.64 -11.42
N ASP A 46 21.51 -11.25 -12.35
CA ASP A 46 22.77 -11.93 -12.04
C ASP A 46 23.92 -11.01 -12.44
N GLN A 47 24.31 -10.12 -11.52
CA GLN A 47 25.36 -9.15 -11.78
C GLN A 47 26.70 -9.74 -11.32
N ARG A 48 27.22 -10.65 -12.14
CA ARG A 48 28.51 -11.26 -11.87
C ARG A 48 29.09 -11.78 -13.18
N ALA A 49 30.40 -12.00 -13.17
CA ALA A 49 31.10 -12.54 -14.33
C ALA A 49 31.29 -14.05 -14.22
N GLU A 50 31.73 -14.54 -13.07
CA GLU A 50 31.93 -15.96 -12.86
C GLU A 50 30.64 -16.62 -12.40
N ASP A 51 30.49 -17.90 -12.76
CA ASP A 51 29.33 -18.72 -12.36
C ASP A 51 28.02 -18.08 -12.79
N ASN A 52 27.99 -17.56 -14.01
CA ASN A 52 26.79 -16.97 -14.59
C ASN A 52 26.41 -17.76 -15.83
N TRP A 53 25.33 -18.54 -15.74
CA TRP A 53 24.88 -19.32 -16.89
C TRP A 53 24.48 -18.42 -18.05
N ALA A 54 23.78 -17.32 -17.75
CA ALA A 54 23.33 -16.42 -18.81
C ALA A 54 24.51 -15.84 -19.58
N LEU A 55 25.56 -15.43 -18.87
CA LEU A 55 26.77 -14.97 -19.55
C LEU A 55 27.44 -16.09 -20.33
N LEU A 56 27.52 -17.28 -19.73
CA LEU A 56 28.15 -18.41 -20.41
C LEU A 56 27.37 -18.81 -21.67
N PHE A 57 26.04 -18.87 -21.57
CA PHE A 57 25.23 -19.22 -22.73
C PHE A 57 25.34 -18.17 -23.83
N SER A 58 25.40 -16.89 -23.44
CA SER A 58 25.58 -15.83 -24.43
C SER A 58 26.94 -15.95 -25.12
N ARG A 59 27.98 -16.30 -24.36
CA ARG A 59 29.30 -16.45 -24.95
C ARG A 59 29.34 -17.62 -25.93
N ALA A 60 28.68 -18.73 -25.59
CA ALA A 60 28.68 -19.89 -26.48
C ALA A 60 27.99 -19.59 -27.79
N ILE A 61 26.85 -18.91 -27.75
CA ILE A 61 26.15 -18.53 -28.97
C ILE A 61 27.01 -17.60 -29.81
N ALA A 62 27.69 -16.65 -29.15
CA ALA A 62 28.59 -15.75 -29.87
C ALA A 62 29.74 -16.52 -30.50
N LYS A 63 30.26 -17.54 -29.81
CA LYS A 63 31.35 -18.34 -30.34
C LYS A 63 30.93 -19.09 -31.60
N GLU A 64 29.73 -19.67 -31.60
CA GLU A 64 29.26 -20.43 -32.75
C GLU A 64 29.06 -19.54 -33.96
N ALA A 65 28.52 -18.34 -33.76
CA ALA A 65 28.26 -17.41 -34.85
C ALA A 65 29.47 -16.55 -35.22
N ASN A 66 30.60 -16.75 -34.52
CA ASN A 66 31.82 -15.97 -34.75
C ASN A 66 31.56 -14.47 -34.56
N VAL A 67 31.01 -14.14 -33.39
CA VAL A 67 30.71 -12.75 -33.05
C VAL A 67 31.14 -12.48 -31.63
N PRO A 68 31.42 -11.22 -31.31
CA PRO A 68 31.76 -10.85 -29.93
C PRO A 68 30.51 -10.80 -29.06
N VAL A 69 30.74 -10.79 -27.75
CA VAL A 69 29.69 -10.76 -26.74
C VAL A 69 29.78 -9.46 -25.97
N VAL A 70 28.66 -8.77 -25.82
CA VAL A 70 28.60 -7.50 -25.12
C VAL A 70 27.53 -7.58 -24.04
N VAL A 71 27.77 -6.87 -22.94
CA VAL A 71 26.87 -6.85 -21.79
C VAL A 71 26.23 -5.47 -21.70
N VAL A 72 24.91 -5.44 -21.55
CA VAL A 72 24.16 -4.18 -21.45
C VAL A 72 23.37 -4.19 -20.15
N PHE A 73 23.52 -3.12 -19.38
CA PHE A 73 22.77 -2.92 -18.14
C PHE A 73 21.95 -1.65 -18.26
N CYS A 74 20.71 -1.71 -17.77
CA CYS A 74 19.78 -0.58 -17.82
C CYS A 74 19.50 -0.12 -16.40
N LEU A 75 19.94 1.10 -16.07
CA LEU A 75 19.68 1.69 -14.77
C LEU A 75 18.32 2.38 -14.82
N THR A 76 17.37 1.85 -14.06
CA THR A 76 16.01 2.38 -14.05
C THR A 76 15.83 3.39 -12.93
N ASP A 77 14.67 4.05 -12.92
CA ASP A 77 14.30 4.98 -11.87
C ASP A 77 13.89 4.29 -10.57
N GLU A 78 14.07 2.96 -10.48
CA GLU A 78 13.66 2.21 -9.30
C GLU A 78 14.49 2.57 -8.07
N PHE A 79 15.70 3.11 -8.26
CA PHE A 79 16.54 3.44 -7.10
C PHE A 79 15.95 4.59 -6.29
N LEU A 80 15.09 5.40 -6.88
CA LEU A 80 14.45 6.48 -6.12
C LEU A 80 13.55 5.92 -5.02
N GLU A 81 12.84 4.84 -5.31
CA GLU A 81 12.01 4.20 -4.29
CA GLU A 81 12.01 4.20 -4.29
C GLU A 81 12.86 3.66 -3.15
N ALA A 82 14.01 3.07 -3.46
CA ALA A 82 14.91 2.55 -2.45
C ALA A 82 15.80 3.69 -1.92
N GLY A 83 16.83 3.33 -1.17
CA GLY A 83 17.69 4.30 -0.53
C GLY A 83 19.11 4.26 -1.06
N ILE A 84 19.98 5.00 -0.37
CA ILE A 84 21.38 5.08 -0.74
C ILE A 84 22.06 3.72 -0.52
N ARG A 85 21.67 3.02 0.54
CA ARG A 85 22.40 1.81 0.93
C ARG A 85 22.38 0.75 -0.17
N GLN A 86 21.24 0.56 -0.83
CA GLN A 86 21.17 -0.41 -1.91
C GLN A 86 21.82 0.13 -3.19
N TYR A 87 21.69 1.44 -3.43
CA TYR A 87 22.29 2.01 -4.64
C TYR A 87 23.81 1.91 -4.61
N GLU A 88 24.42 2.25 -3.48
CA GLU A 88 25.87 2.14 -3.36
C GLU A 88 26.32 0.69 -3.40
N PHE A 89 25.56 -0.20 -2.74
CA PHE A 89 25.90 -1.62 -2.75
C PHE A 89 25.90 -2.17 -4.17
N MET A 90 24.90 -1.80 -4.97
CA MET A 90 24.84 -2.25 -6.36
C MET A 90 25.91 -1.57 -7.20
N LEU A 91 26.05 -0.25 -7.08
CA LEU A 91 26.94 0.50 -7.98
C LEU A 91 28.39 0.11 -7.78
N LYS A 92 28.84 -0.01 -6.53
CA LYS A 92 30.19 -0.49 -6.28
C LYS A 92 30.37 -1.93 -6.76
N GLY A 93 29.28 -2.70 -6.78
CA GLY A 93 29.35 -4.03 -7.36
C GLY A 93 29.53 -4.01 -8.87
N LEU A 94 28.84 -3.09 -9.55
CA LEU A 94 28.96 -3.04 -11.01
C LEU A 94 30.29 -2.43 -11.43
N GLN A 95 30.85 -1.51 -10.63
CA GLN A 95 32.15 -0.94 -10.97
C GLN A 95 33.23 -2.01 -11.00
N GLU A 96 33.22 -2.91 -10.02
CA GLU A 96 34.14 -4.05 -10.05
C GLU A 96 33.83 -4.99 -11.21
N LEU A 97 32.54 -5.19 -11.49
CA LEU A 97 32.15 -6.05 -12.61
C LEU A 97 32.63 -5.48 -13.94
N GLU A 98 32.68 -4.16 -14.07
CA GLU A 98 33.17 -3.55 -15.30
C GLU A 98 34.63 -3.91 -15.55
N VAL A 99 35.45 -3.88 -14.51
CA VAL A 99 36.87 -4.23 -14.67
C VAL A 99 37.02 -5.72 -14.95
N SER A 100 36.23 -6.56 -14.27
CA SER A 100 36.32 -8.00 -14.49
C SER A 100 35.96 -8.37 -15.92
N LEU A 101 34.90 -7.77 -16.46
CA LEU A 101 34.55 -8.03 -17.85
C LEU A 101 35.58 -7.47 -18.82
N SER A 102 36.20 -6.33 -18.46
CA SER A 102 37.22 -5.75 -19.33
C SER A 102 38.44 -6.67 -19.44
N ARG A 103 38.78 -7.37 -18.35
CA ARG A 103 39.88 -8.31 -18.39
C ARG A 103 39.62 -9.48 -19.33
N LYS A 104 38.35 -9.74 -19.64
CA LYS A 104 37.96 -10.78 -20.58
C LYS A 104 37.62 -10.21 -21.95
N LYS A 105 37.97 -8.95 -22.21
CA LYS A 105 37.71 -8.29 -23.49
C LYS A 105 36.22 -8.25 -23.82
N ILE A 106 35.38 -8.16 -22.79
CA ILE A 106 33.94 -8.10 -22.98
C ILE A 106 33.46 -6.71 -22.58
N PRO A 107 33.15 -5.84 -23.53
CA PRO A 107 32.68 -4.49 -23.18
C PRO A 107 31.33 -4.53 -22.51
N SER A 108 31.12 -3.57 -21.60
CA SER A 108 29.87 -3.44 -20.87
C SER A 108 29.30 -2.05 -21.09
N PHE A 109 27.98 -1.99 -21.33
CA PHE A 109 27.28 -0.74 -21.58
C PHE A 109 26.24 -0.52 -20.49
N PHE A 110 26.21 0.68 -19.94
CA PHE A 110 25.28 1.05 -18.88
C PHE A 110 24.34 2.12 -19.39
N LEU A 111 23.05 1.80 -19.49
CA LEU A 111 22.03 2.72 -19.97
C LEU A 111 21.13 3.16 -18.82
N ARG A 112 20.52 4.32 -18.99
CA ARG A 112 19.60 4.88 -18.01
C ARG A 112 18.28 5.22 -18.69
N GLY A 113 17.19 4.69 -18.16
CA GLY A 113 15.87 4.94 -18.70
C GLY A 113 15.02 3.70 -18.66
N ASP A 114 13.95 3.71 -19.44
CA ASP A 114 13.04 2.58 -19.51
C ASP A 114 13.70 1.42 -20.24
N PRO A 115 13.81 0.24 -19.63
CA PRO A 115 14.36 -0.92 -20.36
C PRO A 115 13.55 -1.29 -21.60
N GLY A 116 12.24 -1.10 -21.57
CA GLY A 116 11.42 -1.43 -22.72
C GLY A 116 11.70 -0.58 -23.95
N GLU A 117 12.26 0.61 -23.76
CA GLU A 117 12.58 1.51 -24.87
C GLU A 117 14.07 1.60 -25.17
N LYS A 118 14.92 1.66 -24.14
CA LYS A 118 16.36 1.83 -24.37
C LYS A 118 17.02 0.54 -24.84
N ILE A 119 16.59 -0.61 -24.30
CA ILE A 119 17.20 -1.88 -24.70
C ILE A 119 16.85 -2.20 -26.15
N SER A 120 15.60 -1.93 -26.55
CA SER A 120 15.23 -2.12 -27.94
C SER A 120 15.99 -1.16 -28.86
N ARG A 121 16.22 0.07 -28.40
CA ARG A 121 17.01 1.02 -29.19
C ARG A 121 18.46 0.57 -29.31
N PHE A 122 19.03 0.03 -28.23
CA PHE A 122 20.42 -0.40 -28.26
C PHE A 122 20.63 -1.55 -29.25
N VAL A 123 19.68 -2.48 -29.30
CA VAL A 123 19.79 -3.59 -30.24
C VAL A 123 19.77 -3.09 -31.68
N LYS A 124 18.89 -2.13 -31.98
CA LYS A 124 18.83 -1.57 -33.32
C LYS A 124 20.08 -0.72 -33.62
N ASP A 125 20.52 0.06 -32.64
CA ASP A 125 21.67 0.94 -32.87
C ASP A 125 22.95 0.13 -33.03
N TYR A 126 23.17 -0.87 -32.18
CA TYR A 126 24.38 -1.68 -32.22
C TYR A 126 24.27 -2.86 -33.17
N ASN A 127 23.13 -3.01 -33.86
CA ASN A 127 22.91 -4.10 -34.81
C ASN A 127 23.12 -5.47 -34.14
N ALA A 128 22.41 -5.68 -33.05
CA ALA A 128 22.56 -6.92 -32.29
C ALA A 128 22.01 -8.10 -33.09
N GLY A 129 22.74 -9.22 -33.04
CA GLY A 129 22.32 -10.42 -33.72
C GLY A 129 21.41 -11.29 -32.89
N THR A 130 21.71 -11.42 -31.60
CA THR A 130 20.90 -12.19 -30.67
C THR A 130 20.90 -11.51 -29.31
N LEU A 131 19.78 -11.60 -28.62
CA LEU A 131 19.61 -10.98 -27.31
C LEU A 131 19.32 -12.06 -26.28
N VAL A 132 20.03 -12.00 -25.16
CA VAL A 132 19.87 -12.97 -24.07
C VAL A 132 19.81 -12.20 -22.75
N THR A 133 18.93 -12.64 -21.86
CA THR A 133 18.76 -11.99 -20.57
C THR A 133 18.57 -13.06 -19.49
N ASP A 134 18.80 -12.65 -18.24
CA ASP A 134 18.58 -13.53 -17.11
C ASP A 134 17.09 -13.60 -16.76
N PHE A 135 16.76 -14.50 -15.84
CA PHE A 135 15.38 -14.76 -15.47
C PHE A 135 15.08 -14.17 -14.10
N SER A 136 13.94 -13.49 -13.99
CA SER A 136 13.43 -12.98 -12.73
C SER A 136 11.91 -13.08 -12.78
N PRO A 137 11.28 -13.70 -11.80
CA PRO A 137 9.81 -13.81 -11.79
C PRO A 137 9.09 -12.55 -11.35
N LEU A 138 9.80 -11.44 -11.12
CA LEU A 138 9.16 -10.21 -10.69
C LEU A 138 8.27 -9.64 -11.78
N ARG A 139 7.26 -8.88 -11.36
CA ARG A 139 6.27 -8.37 -12.30
C ARG A 139 6.89 -7.41 -13.32
N ILE A 140 7.75 -6.51 -12.86
CA ILE A 140 8.27 -5.47 -13.75
C ILE A 140 9.23 -6.06 -14.78
N LYS A 141 9.89 -7.18 -14.46
CA LYS A 141 10.78 -7.80 -15.43
C LYS A 141 9.99 -8.36 -16.61
N ASN A 142 8.83 -8.98 -16.34
CA ASN A 142 8.00 -9.49 -17.42
C ASN A 142 7.45 -8.36 -18.29
N GLN A 143 7.07 -7.24 -17.66
CA GLN A 143 6.59 -6.10 -18.42
C GLN A 143 7.68 -5.54 -19.33
N TRP A 144 8.91 -5.45 -18.82
CA TRP A 144 10.02 -4.99 -19.65
C TRP A 144 10.29 -5.96 -20.80
N ILE A 145 10.19 -7.26 -20.53
CA ILE A 145 10.46 -8.26 -21.56
C ILE A 145 9.46 -8.14 -22.71
N GLU A 146 8.17 -7.96 -22.37
CA GLU A 146 7.15 -7.87 -23.41
C GLU A 146 7.34 -6.63 -24.28
N LYS A 147 7.74 -5.50 -23.67
CA LYS A 147 8.00 -4.30 -24.46
C LYS A 147 9.18 -4.49 -25.38
N VAL A 148 10.19 -5.26 -24.94
CA VAL A 148 11.32 -5.56 -25.81
C VAL A 148 10.87 -6.42 -26.99
N ILE A 149 9.92 -7.33 -26.75
CA ILE A 149 9.46 -8.25 -27.80
C ILE A 149 8.87 -7.48 -28.97
N SER A 150 8.01 -6.50 -28.68
CA SER A 150 7.35 -5.75 -29.74
CA SER A 150 7.35 -5.75 -29.74
C SER A 150 8.30 -4.81 -30.48
N GLY A 151 9.42 -4.45 -29.89
CA GLY A 151 10.33 -3.51 -30.52
C GLY A 151 11.44 -4.10 -31.36
N ILE A 152 11.86 -5.33 -31.03
CA ILE A 152 13.00 -5.95 -31.68
C ILE A 152 12.52 -7.04 -32.63
N SER A 153 13.42 -7.45 -33.51
CA SER A 153 13.15 -8.55 -34.44
C SER A 153 14.18 -9.67 -34.34
N ILE A 154 15.21 -9.51 -33.52
CA ILE A 154 16.23 -10.53 -33.33
C ILE A 154 15.70 -11.59 -32.36
N PRO A 155 16.24 -12.81 -32.38
CA PRO A 155 15.81 -13.81 -31.40
C PRO A 155 16.09 -13.37 -29.97
N PHE A 156 15.19 -13.74 -29.06
CA PHE A 156 15.28 -13.38 -27.65
C PHE A 156 15.25 -14.66 -26.82
N PHE A 157 16.26 -14.83 -25.96
CA PHE A 157 16.36 -15.99 -25.09
C PHE A 157 16.40 -15.53 -23.64
N GLU A 158 16.04 -16.46 -22.74
CA GLU A 158 16.05 -16.20 -21.31
C GLU A 158 16.73 -17.37 -20.61
N VAL A 159 17.64 -17.06 -19.68
CA VAL A 159 18.43 -18.07 -18.97
C VAL A 159 18.17 -17.91 -17.49
N ASP A 160 17.88 -19.03 -16.81
CA ASP A 160 17.73 -19.04 -15.36
C ASP A 160 19.12 -19.28 -14.76
N ALA A 161 19.82 -18.18 -14.48
CA ALA A 161 21.15 -18.25 -13.87
C ALA A 161 21.13 -18.06 -12.37
N HIS A 162 19.95 -17.91 -11.77
CA HIS A 162 19.82 -17.70 -10.33
C HIS A 162 19.50 -18.97 -9.56
N ASN A 163 18.63 -19.81 -10.09
CA ASN A 163 18.23 -21.05 -9.45
C ASN A 163 19.06 -22.21 -9.97
N VAL A 164 19.36 -23.15 -9.07
CA VAL A 164 20.11 -24.35 -9.48
C VAL A 164 19.31 -25.14 -10.51
N VAL A 165 18.02 -25.32 -10.25
CA VAL A 165 17.09 -25.92 -11.21
C VAL A 165 16.23 -24.81 -11.78
N PRO A 166 16.10 -24.69 -13.10
CA PRO A 166 15.30 -23.60 -13.68
C PRO A 166 13.88 -23.61 -13.14
N CYS A 167 13.34 -22.41 -12.91
CA CYS A 167 12.05 -22.28 -12.23
C CYS A 167 10.92 -22.93 -13.01
N TRP A 168 10.99 -22.92 -14.33
CA TRP A 168 9.95 -23.55 -15.15
C TRP A 168 10.14 -25.05 -15.29
N GLU A 169 11.22 -25.61 -14.74
CA GLU A 169 11.47 -27.04 -14.80
C GLU A 169 11.28 -27.76 -13.48
N ALA A 170 11.57 -27.09 -12.36
CA ALA A 170 11.38 -27.73 -11.06
C ALA A 170 9.92 -28.04 -10.79
N SER A 171 9.02 -27.13 -11.15
CA SER A 171 7.59 -27.35 -11.00
C SER A 171 6.85 -26.49 -12.01
N GLN A 172 5.67 -26.97 -12.41
CA GLN A 172 4.85 -26.28 -13.40
C GLN A 172 3.61 -25.64 -12.77
N LYS A 173 3.60 -25.47 -11.46
CA LYS A 173 2.45 -24.91 -10.77
C LYS A 173 2.91 -24.33 -9.43
N HIS A 174 1.99 -23.62 -8.78
CA HIS A 174 2.28 -23.04 -7.46
C HIS A 174 2.30 -24.15 -6.42
N GLU A 175 3.43 -24.27 -5.71
CA GLU A 175 3.59 -25.30 -4.70
C GLU A 175 2.97 -24.85 -3.38
N TYR A 176 2.19 -25.72 -2.76
CA TYR A 176 1.50 -25.36 -1.53
C TYR A 176 2.46 -25.26 -0.35
N ALA A 177 3.46 -26.15 -0.30
CA ALA A 177 4.41 -26.17 0.80
C ALA A 177 5.69 -26.85 0.33
N ALA A 178 6.73 -26.74 1.16
CA ALA A 178 8.03 -27.29 0.80
C ALA A 178 8.01 -28.81 0.78
N HIS A 179 7.27 -29.45 1.69
CA HIS A 179 7.21 -30.90 1.70
C HIS A 179 6.63 -31.45 0.41
N THR A 180 5.92 -30.62 -0.34
CA THR A 180 5.51 -30.97 -1.70
C THR A 180 6.54 -30.55 -2.74
N PHE A 181 7.39 -29.58 -2.41
CA PHE A 181 8.42 -29.09 -3.31
C PHE A 181 9.78 -29.74 -3.09
N ARG A 182 10.06 -30.17 -1.86
CA ARG A 182 11.36 -30.76 -1.56
C ARG A 182 11.64 -32.03 -2.37
N PRO A 183 10.75 -33.02 -2.46
CA PRO A 183 11.07 -34.19 -3.29
C PRO A 183 11.27 -33.86 -4.76
N LYS A 184 10.49 -32.91 -5.30
CA LYS A 184 10.66 -32.52 -6.69
C LYS A 184 12.02 -31.86 -6.91
N LEU A 185 12.41 -30.95 -6.02
CA LEU A 185 13.67 -30.24 -6.18
C LEU A 185 14.85 -31.20 -6.04
N TYR A 186 14.88 -32.00 -4.97
CA TYR A 186 16.00 -32.90 -4.73
C TYR A 186 16.11 -34.00 -5.77
N ALA A 187 15.03 -34.32 -6.49
CA ALA A 187 15.11 -35.35 -7.53
C ALA A 187 15.90 -34.87 -8.74
N LEU A 188 15.89 -33.56 -8.99
CA LEU A 188 16.59 -32.99 -10.14
C LEU A 188 17.99 -32.49 -9.80
N LEU A 189 18.44 -32.63 -8.56
CA LEU A 189 19.82 -32.23 -8.21
C LEU A 189 20.88 -32.97 -9.02
N PRO A 190 20.84 -34.30 -9.18
CA PRO A 190 21.91 -34.97 -9.92
C PRO A 190 22.08 -34.48 -11.35
N GLU A 191 21.04 -33.93 -11.95
CA GLU A 191 21.15 -33.45 -13.32
C GLU A 191 21.73 -32.03 -13.38
N PHE A 192 21.21 -31.13 -12.56
CA PHE A 192 21.53 -29.71 -12.69
C PHE A 192 22.65 -29.24 -11.79
N LEU A 193 23.00 -29.98 -10.75
CA LEU A 193 24.10 -29.60 -9.86
C LEU A 193 25.40 -30.02 -10.51
N GLU A 194 26.04 -29.09 -11.23
CA GLU A 194 27.26 -29.35 -11.97
C GLU A 194 28.22 -28.19 -11.78
N GLU A 195 29.47 -28.40 -12.16
CA GLU A 195 30.50 -27.37 -12.03
C GLU A 195 30.41 -26.40 -13.21
N PHE A 196 30.75 -25.14 -12.93
CA PHE A 196 30.68 -24.12 -13.97
C PHE A 196 31.93 -24.14 -14.84
N PRO A 197 31.79 -24.00 -16.16
CA PRO A 197 32.96 -23.82 -17.00
C PRO A 197 33.45 -22.38 -16.97
N GLU A 198 34.76 -22.21 -17.16
CA GLU A 198 35.35 -20.89 -17.15
C GLU A 198 34.89 -20.08 -18.36
N LEU A 199 34.63 -18.80 -18.15
CA LEU A 199 34.17 -17.93 -19.22
C LEU A 199 35.34 -17.58 -20.13
N GLU A 200 35.18 -17.86 -21.43
CA GLU A 200 36.24 -17.60 -22.40
C GLU A 200 36.21 -16.13 -22.83
N PRO A 201 37.38 -15.49 -22.89
CA PRO A 201 37.42 -14.08 -23.32
C PRO A 201 37.05 -13.92 -24.79
N ASN A 202 36.57 -12.72 -25.11
CA ASN A 202 36.19 -12.40 -26.49
C ASN A 202 37.43 -12.30 -27.37
N SER A 203 37.30 -12.76 -28.61
CA SER A 203 38.36 -12.64 -29.62
C SER A 203 38.18 -11.42 -30.50
N VAL A 204 36.94 -11.07 -30.85
CA VAL A 204 36.65 -9.88 -31.63
C VAL A 204 36.43 -8.73 -30.66
N THR A 205 37.13 -7.60 -30.88
CA THR A 205 37.10 -6.52 -29.90
C THR A 205 35.77 -5.77 -29.91
N PRO A 206 35.34 -5.14 -31.03
CA PRO A 206 34.03 -4.50 -30.89
C PRO A 206 32.90 -5.26 -31.58
N GLU A 216 27.84 4.95 -20.44
CA GLU A 216 27.93 6.09 -19.54
C GLU A 216 28.86 5.78 -18.38
N THR A 217 29.40 6.84 -17.76
CA THR A 217 30.32 6.67 -16.65
C THR A 217 29.57 6.20 -15.40
N LEU A 218 30.10 5.16 -14.76
CA LEU A 218 29.46 4.66 -13.54
C LEU A 218 29.64 5.63 -12.38
N SER A 219 30.77 6.35 -12.33
CA SER A 219 30.98 7.32 -11.27
C SER A 219 29.97 8.46 -11.34
N ASP A 220 29.70 8.95 -12.55
CA ASP A 220 28.72 10.02 -12.70
C ASP A 220 27.32 9.54 -12.36
N VAL A 221 26.98 8.31 -12.72
CA VAL A 221 25.67 7.76 -12.37
C VAL A 221 25.55 7.60 -10.86
N LEU A 222 26.66 7.35 -10.16
CA LEU A 222 26.63 7.21 -8.71
C LEU A 222 26.46 8.56 -8.02
N GLU A 223 27.22 9.57 -8.45
CA GLU A 223 27.15 10.88 -7.81
C GLU A 223 25.79 11.53 -8.04
N THR A 224 25.24 11.39 -9.25
CA THR A 224 23.94 11.97 -9.54
C THR A 224 22.83 11.29 -8.74
N GLY A 225 22.87 9.96 -8.65
CA GLY A 225 21.84 9.24 -7.91
C GLY A 225 21.89 9.51 -6.41
N VAL A 226 23.09 9.67 -5.86
CA VAL A 226 23.24 9.93 -4.43
C VAL A 226 22.58 11.25 -4.06
N LYS A 227 22.81 12.29 -4.87
CA LYS A 227 22.23 13.60 -4.59
C LYS A 227 20.71 13.56 -4.60
N ALA A 228 20.12 12.70 -5.45
CA ALA A 228 18.66 12.60 -5.50
C ALA A 228 18.12 11.91 -4.26
N LEU A 229 18.83 10.91 -3.75
CA LEU A 229 18.38 10.12 -2.61
C LEU A 229 18.87 10.69 -1.27
N LEU A 230 19.59 11.80 -1.30
CA LEU A 230 20.08 12.39 -0.04
C LEU A 230 18.95 12.84 0.88
N PRO A 231 17.93 13.59 0.43
CA PRO A 231 16.88 14.01 1.37
C PRO A 231 16.11 12.85 1.99
N GLU A 232 15.99 11.73 1.30
CA GLU A 232 15.24 10.58 1.79
C GLU A 232 16.05 9.68 2.70
N ARG A 233 17.23 10.12 3.14
CA ARG A 233 18.09 9.33 3.99
C ARG A 233 17.48 9.17 5.38
N ALA A 234 17.88 8.11 6.07
CA ALA A 234 17.47 7.86 7.44
C ALA A 234 18.50 8.49 8.38
N LEU A 235 18.03 9.39 9.25
CA LEU A 235 18.90 10.15 10.13
C LEU A 235 18.51 9.95 11.58
N LEU A 236 19.43 10.29 12.47
CA LEU A 236 19.18 10.26 13.90
C LEU A 236 18.69 11.64 14.35
N LYS A 237 18.63 11.85 15.67
CA LYS A 237 18.20 13.14 16.18
C LYS A 237 19.19 14.25 15.82
N ASN A 238 20.49 13.96 15.88
CA ASN A 238 21.53 14.94 15.62
C ASN A 238 21.91 15.03 14.14
N LYS A 239 20.99 14.64 13.25
CA LYS A 239 21.22 14.69 11.79
C LYS A 239 22.43 13.86 11.40
N ASP A 240 22.55 12.66 11.98
CA ASP A 240 23.59 11.72 11.64
C ASP A 240 22.97 10.47 11.00
N PRO A 241 23.55 9.97 9.91
CA PRO A 241 22.96 8.80 9.24
C PRO A 241 22.95 7.58 10.13
N LEU A 242 21.91 6.76 9.97
CA LEU A 242 21.76 5.54 10.73
C LEU A 242 22.46 4.35 10.10
N PHE A 243 22.55 4.32 8.77
CA PHE A 243 23.11 3.17 8.08
C PHE A 243 24.61 3.04 8.35
N GLU A 244 25.05 1.81 8.60
CA GLU A 244 26.46 1.50 8.78
C GLU A 244 26.96 0.71 7.58
N PRO A 245 27.71 1.33 6.67
CA PRO A 245 28.06 0.67 5.40
C PRO A 245 29.27 -0.24 5.47
N TRP A 246 29.89 -0.42 6.63
CA TRP A 246 31.08 -1.25 6.75
C TRP A 246 30.77 -2.70 7.10
N HIS A 247 29.50 -3.05 7.30
CA HIS A 247 29.17 -4.41 7.70
C HIS A 247 29.29 -5.39 6.53
N PHE A 248 29.04 -4.92 5.32
CA PHE A 248 29.07 -5.79 4.13
C PHE A 248 29.78 -5.05 3.01
N GLU A 249 30.98 -5.50 2.65
CA GLU A 249 31.68 -4.95 1.51
C GLU A 249 31.05 -5.48 0.23
N PRO A 250 30.56 -4.63 -0.67
CA PRO A 250 29.92 -5.12 -1.89
C PRO A 250 30.94 -5.57 -2.92
N GLY A 251 30.45 -6.41 -3.84
CA GLY A 251 31.24 -6.87 -4.96
C GLY A 251 31.24 -8.39 -5.06
N GLU A 252 31.89 -8.87 -6.12
CA GLU A 252 31.98 -10.31 -6.36
C GLU A 252 33.10 -10.94 -5.53
N LYS A 253 34.24 -10.26 -5.43
CA LYS A 253 35.36 -10.80 -4.66
C LYS A 253 35.01 -10.91 -3.18
N ALA A 254 34.35 -9.89 -2.63
CA ALA A 254 33.97 -9.93 -1.22
C ALA A 254 32.93 -11.02 -0.96
N ALA A 255 32.02 -11.24 -1.92
CA ALA A 255 31.02 -12.28 -1.75
C ALA A 255 31.67 -13.65 -1.66
N LYS A 256 32.74 -13.87 -2.42
CA LYS A 256 33.47 -15.14 -2.34
C LYS A 256 34.09 -15.33 -0.95
N LYS A 257 34.65 -14.25 -0.39
CA LYS A 257 35.28 -14.35 0.93
C LYS A 257 34.27 -14.61 2.02
N VAL A 258 33.07 -14.02 1.91
CA VAL A 258 32.02 -14.28 2.89
C VAL A 258 31.60 -15.75 2.85
N MET A 259 31.46 -16.30 1.64
CA MET A 259 31.15 -17.72 1.50
C MET A 259 32.27 -18.59 2.08
N GLU A 260 33.53 -18.22 1.82
CA GLU A 260 34.65 -18.99 2.33
C GLU A 260 34.68 -18.97 3.85
N SER A 261 34.45 -17.81 4.46
CA SER A 261 34.47 -17.71 5.92
C SER A 261 33.32 -18.47 6.55
N PHE A 262 32.14 -18.42 5.93
CA PHE A 262 30.97 -19.12 6.49
C PHE A 262 31.19 -20.63 6.51
N ILE A 263 31.76 -21.18 5.45
CA ILE A 263 32.00 -22.62 5.40
C ILE A 263 33.07 -23.01 6.42
N ALA A 264 34.05 -22.14 6.62
CA ALA A 264 35.22 -22.50 7.43
C ALA A 264 34.91 -22.47 8.93
N ASP A 265 34.42 -21.32 9.44
CA ASP A 265 34.24 -21.14 10.87
CA ASP A 265 34.24 -21.14 10.87
C ASP A 265 32.78 -21.00 11.27
N ARG A 266 31.84 -21.01 10.34
CA ARG A 266 30.45 -20.77 10.67
C ARG A 266 29.48 -21.87 10.27
N LEU A 267 29.80 -22.67 9.25
CA LEU A 267 28.85 -23.67 8.77
C LEU A 267 28.64 -24.78 9.79
N ASP A 268 29.67 -25.13 10.56
CA ASP A 268 29.57 -26.25 11.49
C ASP A 268 28.49 -26.00 12.55
N SER A 269 28.42 -24.78 13.07
CA SER A 269 27.47 -24.44 14.12
C SER A 269 26.18 -23.83 13.57
N TYR A 270 25.98 -23.85 12.26
CA TYR A 270 24.77 -23.26 11.68
C TYR A 270 23.52 -23.99 12.15
N GLY A 271 23.59 -25.32 12.23
CA GLY A 271 22.39 -26.09 12.56
C GLY A 271 21.82 -25.77 13.93
N ALA A 272 22.67 -25.43 14.89
CA ALA A 272 22.22 -25.19 16.25
C ALA A 272 21.95 -23.71 16.54
N LEU A 273 22.75 -22.81 15.98
CA LEU A 273 22.69 -21.39 16.34
C LEU A 273 22.12 -20.51 15.24
N ARG A 274 21.42 -21.10 14.25
CA ARG A 274 20.82 -20.28 13.20
C ARG A 274 19.64 -19.47 13.70
N ASN A 275 19.04 -19.87 14.82
CA ASN A 275 17.88 -19.19 15.37
C ASN A 275 18.25 -18.28 16.54
N ASP A 276 19.54 -18.01 16.74
CA ASP A 276 20.00 -17.15 17.82
C ASP A 276 20.51 -15.83 17.23
N PRO A 277 19.73 -14.75 17.27
CA PRO A 277 20.21 -13.48 16.73
C PRO A 277 21.40 -12.90 17.47
N THR A 278 21.63 -13.30 18.73
CA THR A 278 22.77 -12.80 19.47
C THR A 278 24.09 -13.28 18.90
N LYS A 279 24.10 -14.41 18.19
CA LYS A 279 25.30 -14.96 17.61
C LYS A 279 25.31 -14.70 16.11
N ASN A 280 26.46 -14.27 15.59
CA ASN A 280 26.65 -14.06 14.16
C ASN A 280 27.02 -15.40 13.52
N MET A 281 26.03 -16.29 13.47
CA MET A 281 26.22 -17.63 12.94
C MET A 281 25.50 -17.84 11.60
N LEU A 282 25.07 -16.77 10.95
CA LEU A 282 24.44 -16.86 9.65
C LEU A 282 25.48 -16.73 8.54
N SER A 283 25.08 -17.09 7.32
CA SER A 283 25.99 -16.99 6.19
C SER A 283 26.18 -15.56 5.72
N ASN A 284 25.20 -14.68 5.99
CA ASN A 284 25.26 -13.27 5.58
C ASN A 284 25.43 -13.13 4.07
N LEU A 285 24.87 -14.08 3.31
CA LEU A 285 25.02 -14.12 1.86
C LEU A 285 23.86 -13.49 1.11
N SER A 286 22.78 -13.10 1.80
CA SER A 286 21.60 -12.58 1.12
C SER A 286 21.86 -11.31 0.31
N PRO A 287 22.57 -10.28 0.82
CA PRO A 287 22.78 -9.10 -0.03
C PRO A 287 23.51 -9.41 -1.32
N TYR A 288 24.47 -10.33 -1.29
CA TYR A 288 25.17 -10.73 -2.50
C TYR A 288 24.31 -11.63 -3.37
N LEU A 289 23.49 -12.48 -2.75
CA LEU A 289 22.63 -13.38 -3.52
C LEU A 289 21.53 -12.60 -4.25
N HIS A 290 20.98 -11.56 -3.60
CA HIS A 290 19.89 -10.81 -4.23
C HIS A 290 20.36 -10.09 -5.48
N PHE A 291 21.52 -9.46 -5.43
CA PHE A 291 22.05 -8.73 -6.58
C PHE A 291 22.80 -9.64 -7.56
N GLY A 292 22.86 -10.93 -7.28
CA GLY A 292 23.57 -11.84 -8.15
C GLY A 292 25.06 -11.64 -8.20
N GLN A 293 25.67 -11.19 -7.10
CA GLN A 293 27.11 -11.08 -7.02
C GLN A 293 27.78 -12.41 -6.69
N ILE A 294 27.00 -13.42 -6.34
CA ILE A 294 27.50 -14.78 -6.15
C ILE A 294 26.38 -15.74 -6.54
N SER A 295 26.75 -16.85 -7.15
CA SER A 295 25.78 -17.85 -7.59
C SER A 295 25.49 -18.81 -6.45
N SER A 296 24.20 -19.04 -6.19
CA SER A 296 23.81 -20.01 -5.17
C SER A 296 24.27 -21.42 -5.53
N GLN A 297 24.36 -21.72 -6.83
CA GLN A 297 24.89 -23.01 -7.25
C GLN A 297 26.33 -23.18 -6.80
N ARG A 298 27.14 -22.12 -6.94
CA ARG A 298 28.53 -22.18 -6.46
C ARG A 298 28.58 -22.44 -4.97
N VAL A 299 27.72 -21.78 -4.19
CA VAL A 299 27.68 -22.01 -2.75
C VAL A 299 27.27 -23.45 -2.46
N VAL A 300 26.29 -23.97 -3.20
CA VAL A 300 25.84 -25.35 -3.00
C VAL A 300 26.96 -26.33 -3.31
N LEU A 301 27.72 -26.08 -4.38
CA LEU A 301 28.83 -26.97 -4.73
C LEU A 301 29.88 -27.01 -3.62
N GLU A 302 30.23 -25.84 -3.06
CA GLU A 302 31.24 -25.81 -2.01
C GLU A 302 30.72 -26.43 -0.72
N VAL A 303 29.45 -26.19 -0.38
CA VAL A 303 28.89 -26.74 0.84
C VAL A 303 28.81 -28.25 0.76
N GLU A 304 28.41 -28.78 -0.40
CA GLU A 304 28.28 -30.23 -0.55
C GLU A 304 29.62 -30.93 -0.36
N LYS A 305 30.70 -30.36 -0.93
CA LYS A 305 32.01 -30.98 -0.81
C LYS A 305 32.60 -30.80 0.58
N ALA A 306 32.20 -29.74 1.29
CA ALA A 306 32.74 -29.47 2.61
C ALA A 306 32.33 -30.55 3.60
N GLU A 307 33.25 -30.91 4.49
CA GLU A 307 33.01 -31.92 5.53
C GLU A 307 32.68 -31.18 6.82
N SER A 308 31.38 -31.03 7.09
CA SER A 308 30.92 -30.33 8.28
C SER A 308 29.85 -31.15 8.99
N ASN A 309 29.17 -30.55 9.96
CA ASN A 309 28.11 -31.24 10.69
C ASN A 309 27.00 -31.63 9.74
N PRO A 310 26.62 -32.91 9.67
CA PRO A 310 25.54 -33.31 8.75
C PRO A 310 24.23 -32.62 9.01
N GLY A 311 23.89 -32.38 10.28
CA GLY A 311 22.67 -31.66 10.60
C GLY A 311 22.73 -30.21 10.15
N SER A 312 23.87 -29.55 10.37
CA SER A 312 24.03 -28.16 9.94
C SER A 312 24.00 -28.05 8.42
N LYS A 313 24.65 -28.99 7.73
CA LYS A 313 24.68 -28.95 6.27
C LYS A 313 23.28 -29.13 5.69
N LYS A 314 22.49 -30.06 6.25
CA LYS A 314 21.13 -30.26 5.79
C LYS A 314 20.27 -29.03 6.04
N ALA A 315 20.43 -28.39 7.19
CA ALA A 315 19.63 -27.21 7.51
C ALA A 315 19.95 -26.06 6.56
N PHE A 316 21.23 -25.82 6.28
CA PHE A 316 21.59 -24.73 5.38
C PHE A 316 21.15 -25.02 3.95
N LEU A 317 21.29 -26.28 3.51
CA LEU A 317 20.90 -26.62 2.14
C LEU A 317 19.40 -26.47 1.93
N ASP A 318 18.60 -26.72 2.98
CA ASP A 318 17.16 -26.57 2.85
C ASP A 318 16.76 -25.11 2.64
N GLU A 319 17.56 -24.17 3.14
CA GLU A 319 17.24 -22.76 2.99
C GLU A 319 17.69 -22.23 1.63
N ILE A 320 18.91 -22.55 1.23
CA ILE A 320 19.47 -22.00 -0.01
C ILE A 320 18.99 -22.70 -1.26
N LEU A 321 18.36 -23.87 -1.13
CA LEU A 321 17.89 -24.62 -2.29
C LEU A 321 16.37 -24.70 -2.35
N ILE A 322 15.73 -25.18 -1.29
CA ILE A 322 14.27 -25.35 -1.31
C ILE A 322 13.57 -24.02 -1.11
N TRP A 323 13.87 -23.34 -0.01
CA TRP A 323 13.12 -22.14 0.35
C TRP A 323 13.48 -20.95 -0.53
N LYS A 324 14.76 -20.84 -0.93
CA LYS A 324 15.16 -19.74 -1.81
C LYS A 324 14.49 -19.86 -3.18
N GLU A 325 14.41 -21.08 -3.72
CA GLU A 325 13.86 -21.29 -5.05
C GLU A 325 12.35 -21.46 -5.07
N ILE A 326 11.74 -21.88 -3.95
CA ILE A 326 10.29 -21.93 -3.89
C ILE A 326 9.69 -20.53 -3.84
N SER A 327 10.46 -19.55 -3.37
CA SER A 327 10.01 -18.16 -3.45
C SER A 327 9.93 -17.69 -4.89
N ASP A 328 10.88 -18.13 -5.72
CA ASP A 328 10.79 -17.86 -7.15
C ASP A 328 9.56 -18.54 -7.75
N ASN A 329 9.28 -19.76 -7.32
CA ASN A 329 8.08 -20.46 -7.78
C ASN A 329 6.81 -19.73 -7.36
N PHE A 330 6.80 -19.19 -6.14
CA PHE A 330 5.63 -18.48 -5.65
C PHE A 330 5.34 -17.24 -6.49
N CYS A 331 6.38 -16.46 -6.81
CA CYS A 331 6.19 -15.24 -7.58
C CYS A 331 5.92 -15.53 -9.06
N TYR A 332 6.48 -16.61 -9.60
CA TYR A 332 6.34 -16.89 -11.02
C TYR A 332 4.92 -17.34 -11.37
N TYR A 333 4.24 -18.00 -10.44
CA TYR A 333 2.90 -18.53 -10.70
C TYR A 333 1.80 -17.75 -9.99
N ASN A 334 2.14 -16.81 -9.11
CA ASN A 334 1.16 -15.93 -8.48
C ASN A 334 1.54 -14.48 -8.78
N PRO A 335 0.94 -13.85 -9.80
CA PRO A 335 1.30 -12.47 -10.12
C PRO A 335 0.98 -11.48 -9.01
N GLY A 336 0.06 -11.82 -8.10
CA GLY A 336 -0.24 -10.95 -6.98
C GLY A 336 0.48 -11.35 -5.71
N TYR A 337 1.76 -11.70 -5.85
CA TYR A 337 2.53 -12.21 -4.72
C TYR A 337 2.64 -11.22 -3.57
N ASP A 338 2.47 -9.93 -3.83
CA ASP A 338 2.53 -8.90 -2.80
C ASP A 338 1.15 -8.39 -2.40
N GLY A 339 0.11 -9.22 -2.58
CA GLY A 339 -1.24 -8.81 -2.30
C GLY A 339 -1.94 -9.80 -1.37
N PHE A 340 -3.07 -9.35 -0.83
CA PHE A 340 -3.86 -10.20 0.06
C PHE A 340 -4.47 -11.38 -0.68
N GLU A 341 -4.71 -11.24 -1.99
CA GLU A 341 -5.35 -12.29 -2.76
C GLU A 341 -4.46 -13.52 -2.92
N SER A 342 -3.15 -13.37 -2.81
CA SER A 342 -2.24 -14.51 -2.93
C SER A 342 -2.32 -15.44 -1.72
N PHE A 343 -2.94 -15.01 -0.63
CA PHE A 343 -3.03 -15.84 0.56
C PHE A 343 -3.94 -17.04 0.31
N PRO A 344 -3.69 -18.16 0.98
CA PRO A 344 -4.57 -19.33 0.82
C PRO A 344 -5.98 -19.02 1.30
N SER A 345 -6.92 -19.85 0.86
CA SER A 345 -8.33 -19.63 1.18
C SER A 345 -8.59 -19.70 2.68
N TRP A 346 -7.91 -20.62 3.37
CA TRP A 346 -8.07 -20.72 4.82
C TRP A 346 -7.58 -19.46 5.51
N ALA A 347 -6.49 -18.86 5.00
CA ALA A 347 -5.94 -17.67 5.64
C ALA A 347 -6.84 -16.46 5.42
N LYS A 348 -7.34 -16.27 4.21
CA LYS A 348 -8.21 -15.13 3.92
C LYS A 348 -9.50 -15.21 4.74
N GLU A 349 -10.09 -16.40 4.83
CA GLU A 349 -11.34 -16.55 5.58
C GLU A 349 -11.13 -16.26 7.06
N SER A 350 -10.02 -16.72 7.63
CA SER A 350 -9.76 -16.47 9.05
C SER A 350 -9.46 -15.00 9.31
N LEU A 351 -8.64 -14.38 8.46
CA LEU A 351 -8.29 -12.97 8.66
C LEU A 351 -9.51 -12.07 8.44
N ASN A 352 -10.36 -12.41 7.48
CA ASN A 352 -11.55 -11.59 7.21
C ASN A 352 -12.49 -11.60 8.42
N ALA A 353 -12.66 -12.76 9.05
CA ALA A 353 -13.56 -12.87 10.19
C ALA A 353 -13.06 -12.08 11.40
N HIS A 354 -11.77 -11.78 11.47
CA HIS A 354 -11.19 -11.06 12.59
C HIS A 354 -10.87 -9.61 12.25
N ARG A 355 -11.46 -9.09 11.17
CA ARG A 355 -11.18 -7.70 10.76
C ARG A 355 -11.69 -6.71 11.81
N ASN A 356 -12.85 -6.99 12.40
CA ASN A 356 -13.47 -6.06 13.33
C ASN A 356 -13.03 -6.26 14.77
N ASP A 357 -12.11 -7.19 15.03
CA ASP A 357 -11.60 -7.39 16.39
C ASP A 357 -10.78 -6.18 16.82
N VAL A 358 -10.87 -5.85 18.10
CA VAL A 358 -10.14 -4.69 18.64
C VAL A 358 -8.67 -5.07 18.82
N ARG A 359 -7.79 -4.26 18.25
CA ARG A 359 -6.36 -4.51 18.36
C ARG A 359 -5.83 -3.98 19.69
N SER A 360 -4.80 -4.66 20.20
CA SER A 360 -4.16 -4.19 21.43
C SER A 360 -3.51 -2.83 21.22
N HIS A 361 -2.83 -2.64 20.08
CA HIS A 361 -2.22 -1.36 19.74
C HIS A 361 -2.41 -1.10 18.26
N ILE A 362 -2.39 0.18 17.90
CA ILE A 362 -2.47 0.60 16.50
C ILE A 362 -1.33 1.58 16.24
N TYR A 363 -0.42 1.20 15.35
CA TYR A 363 0.72 2.02 14.99
C TYR A 363 0.68 2.32 13.49
N THR A 364 1.12 3.52 13.13
CA THR A 364 1.19 3.92 11.74
C THR A 364 2.53 3.50 11.13
N LEU A 365 2.70 3.80 9.84
CA LEU A 365 3.96 3.46 9.17
C LEU A 365 5.13 4.20 9.78
N GLU A 366 4.96 5.49 10.08
CA GLU A 366 6.03 6.27 10.67
C GLU A 366 6.40 5.75 12.05
N GLU A 367 5.41 5.38 12.87
CA GLU A 367 5.69 4.82 14.18
C GLU A 367 6.42 3.48 14.07
N PHE A 368 6.01 2.63 13.12
CA PHE A 368 6.73 1.38 12.89
C PHE A 368 8.13 1.64 12.36
N GLU A 369 8.27 2.63 11.46
CA GLU A 369 9.56 2.90 10.83
C GLU A 369 10.60 3.36 11.84
N ALA A 370 10.22 4.20 12.79
CA ALA A 370 11.14 4.77 13.76
C ALA A 370 11.35 3.89 14.98
N GLY A 371 10.71 2.72 15.04
CA GLY A 371 10.86 1.85 16.20
C GLY A 371 10.31 2.48 17.47
N LYS A 372 9.08 2.98 17.40
CA LYS A 372 8.44 3.68 18.51
C LYS A 372 7.23 2.91 19.04
N THR A 373 7.39 1.58 19.18
CA THR A 373 6.34 0.73 19.71
C THR A 373 6.65 0.36 21.16
N HIS A 374 5.66 -0.22 21.82
CA HIS A 374 5.79 -0.63 23.21
C HIS A 374 6.70 -1.83 23.40
N ASP A 375 7.06 -2.54 22.33
CA ASP A 375 7.85 -3.76 22.44
C ASP A 375 9.32 -3.43 22.25
N PRO A 376 10.17 -3.58 23.26
CA PRO A 376 11.61 -3.37 23.06
C PRO A 376 12.22 -4.36 22.08
N LEU A 377 11.73 -5.61 22.05
CA LEU A 377 12.28 -6.59 21.12
C LEU A 377 12.01 -6.21 19.68
N TRP A 378 10.79 -5.73 19.39
CA TRP A 378 10.46 -5.29 18.03
C TRP A 378 11.30 -4.08 17.64
N ASN A 379 11.47 -3.12 18.55
CA ASN A 379 12.26 -1.93 18.24
C ASN A 379 13.72 -2.29 17.97
N ALA A 380 14.27 -3.25 18.72
CA ALA A 380 15.63 -3.69 18.49
C ALA A 380 15.76 -4.34 17.11
N SER A 381 14.73 -5.10 16.69
CA SER A 381 14.75 -5.69 15.36
C SER A 381 14.75 -4.62 14.28
N GLN A 382 13.94 -3.56 14.46
CA GLN A 382 13.92 -2.49 13.48
C GLN A 382 15.21 -1.68 13.51
N MET A 383 15.78 -1.49 14.71
CA MET A 383 17.03 -0.72 14.81
C MET A 383 18.17 -1.43 14.09
N GLU A 384 18.23 -2.76 14.21
CA GLU A 384 19.22 -3.51 13.46
C GLU A 384 19.01 -3.37 11.95
N LEU A 385 17.75 -3.38 11.52
CA LEU A 385 17.45 -3.19 10.10
C LEU A 385 17.87 -1.80 9.64
N LEU A 386 17.60 -0.78 10.45
CA LEU A 386 17.94 0.59 10.05
C LEU A 386 19.46 0.78 9.99
N SER A 387 20.19 0.17 10.91
CA SER A 387 21.64 0.40 10.98
C SER A 387 22.41 -0.47 10.00
N THR A 388 22.22 -1.79 10.07
CA THR A 388 23.00 -2.72 9.26
C THR A 388 22.34 -3.03 7.92
N GLY A 389 21.05 -2.80 7.77
CA GLY A 389 20.37 -3.13 6.53
C GLY A 389 20.08 -4.59 6.32
N LYS A 390 20.29 -5.44 7.34
CA LYS A 390 20.05 -6.87 7.20
C LYS A 390 19.69 -7.40 8.59
N MET A 391 18.39 -7.57 8.84
CA MET A 391 17.92 -8.09 10.10
C MET A 391 18.13 -9.60 10.17
N HIS A 392 18.30 -10.12 11.38
CA HIS A 392 18.51 -11.55 11.56
C HIS A 392 17.27 -12.32 11.12
N GLY A 393 17.50 -13.53 10.61
CA GLY A 393 16.40 -14.30 10.02
C GLY A 393 15.30 -14.63 11.01
N TYR A 394 15.66 -14.93 12.25
CA TYR A 394 14.65 -15.29 13.25
C TYR A 394 13.76 -14.11 13.61
N THR A 395 14.37 -12.95 13.86
CA THR A 395 13.59 -11.80 14.31
C THR A 395 12.72 -11.20 13.21
N ARG A 396 13.01 -11.51 11.94
CA ARG A 396 12.19 -10.98 10.86
C ARG A 396 10.77 -11.54 10.90
N MET A 397 10.61 -12.76 11.41
CA MET A 397 9.27 -13.32 11.61
C MET A 397 8.51 -12.54 12.68
N TYR A 398 9.14 -12.37 13.84
CA TYR A 398 8.54 -11.57 14.91
C TYR A 398 8.31 -10.14 14.47
N TRP A 399 9.19 -9.62 13.62
CA TRP A 399 9.02 -8.28 13.08
C TRP A 399 7.74 -8.17 12.24
N ALA A 400 7.54 -9.14 11.34
CA ALA A 400 6.40 -9.08 10.42
C ALA A 400 5.10 -9.46 11.11
N LYS A 401 5.13 -10.45 12.00
CA LYS A 401 3.89 -10.91 12.64
C LYS A 401 3.33 -9.89 13.61
N LYS A 402 4.20 -9.16 14.32
CA LYS A 402 3.71 -8.12 15.21
C LYS A 402 3.15 -6.94 14.45
N ILE A 403 3.59 -6.73 13.21
CA ILE A 403 2.98 -5.71 12.35
C ILE A 403 1.53 -6.06 12.08
N LEU A 404 1.25 -7.33 11.79
CA LEU A 404 -0.12 -7.78 11.60
C LEU A 404 -0.94 -7.59 12.87
N GLU A 405 -0.36 -7.88 14.03
CA GLU A 405 -1.10 -7.80 15.28
C GLU A 405 -1.44 -6.36 15.65
N TRP A 406 -0.59 -5.41 15.30
CA TRP A 406 -0.73 -4.02 15.71
C TRP A 406 -0.97 -3.09 14.53
N SER A 407 -1.84 -3.50 13.61
CA SER A 407 -2.18 -2.71 12.43
C SER A 407 -3.69 -2.58 12.30
N GLU A 408 -4.10 -1.63 11.46
CA GLU A 408 -5.53 -1.42 11.21
C GLU A 408 -6.16 -2.64 10.54
N SER A 409 -5.47 -3.22 9.57
CA SER A 409 -6.05 -4.26 8.73
C SER A 409 -4.91 -5.11 8.19
N PRO A 410 -5.18 -6.36 7.77
CA PRO A 410 -4.12 -7.17 7.15
C PRO A 410 -3.59 -6.58 5.86
N GLU A 411 -4.37 -5.77 5.16
CA GLU A 411 -3.86 -5.09 3.97
C GLU A 411 -2.83 -4.03 4.34
N LYS A 412 -3.12 -3.23 5.37
CA LYS A 412 -2.17 -2.21 5.81
C LYS A 412 -0.90 -2.84 6.35
N ALA A 413 -1.02 -3.92 7.13
CA ALA A 413 0.15 -4.60 7.65
C ALA A 413 1.01 -5.18 6.53
N LEU A 414 0.37 -5.77 5.52
CA LEU A 414 1.11 -6.22 4.34
C LEU A 414 1.75 -5.04 3.63
N GLU A 415 1.04 -3.90 3.55
CA GLU A 415 1.61 -2.71 2.95
C GLU A 415 2.81 -2.21 3.76
N ILE A 416 2.68 -2.17 5.08
CA ILE A 416 3.76 -1.66 5.93
C ILE A 416 4.96 -2.59 5.89
N ALA A 417 4.73 -3.90 6.00
CA ALA A 417 5.83 -4.86 6.01
C ALA A 417 6.60 -4.82 4.70
N ILE A 418 5.90 -4.76 3.56
CA ILE A 418 6.57 -4.70 2.27
C ILE A 418 7.33 -3.39 2.13
N CYS A 419 6.71 -2.28 2.54
CA CYS A 419 7.34 -0.96 2.40
C CYS A 419 8.65 -0.89 3.19
N LEU A 420 8.63 -1.33 4.45
CA LEU A 420 9.84 -1.30 5.25
C LEU A 420 10.88 -2.32 4.76
N ASN A 421 10.42 -3.47 4.27
CA ASN A 421 11.36 -4.49 3.80
C ASN A 421 12.13 -4.03 2.57
N ASP A 422 11.41 -3.53 1.55
CA ASP A 422 12.05 -3.16 0.30
C ASP A 422 12.85 -1.87 0.42
N ARG A 423 12.64 -1.08 1.47
CA ARG A 423 13.33 0.19 1.64
C ARG A 423 14.65 0.05 2.39
N TYR A 424 14.69 -0.77 3.45
CA TYR A 424 15.85 -0.82 4.32
C TYR A 424 16.65 -2.11 4.25
N GLU A 425 16.06 -3.21 3.78
CA GLU A 425 16.79 -4.46 3.67
C GLU A 425 17.71 -4.41 2.46
N LEU A 426 18.98 -4.76 2.67
CA LEU A 426 19.91 -4.86 1.55
C LEU A 426 19.48 -5.93 0.56
N ASP A 427 18.97 -7.06 1.08
CA ASP A 427 18.42 -8.11 0.25
C ASP A 427 16.95 -7.87 -0.11
N GLY A 428 16.47 -6.65 0.05
CA GLY A 428 15.09 -6.32 -0.25
C GLY A 428 14.82 -6.32 -1.74
N ARG A 429 13.54 -6.11 -2.08
CA ARG A 429 13.07 -6.14 -3.45
C ARG A 429 13.38 -7.49 -4.11
N ASP A 430 13.19 -8.56 -3.35
CA ASP A 430 13.54 -9.91 -3.76
C ASP A 430 12.34 -10.83 -3.60
N PRO A 431 12.23 -11.85 -4.44
CA PRO A 431 11.12 -12.82 -4.27
C PRO A 431 11.12 -13.49 -2.90
N ASN A 432 12.28 -13.65 -2.27
CA ASN A 432 12.32 -14.15 -0.90
C ASN A 432 11.59 -13.21 0.05
N GLY A 433 11.71 -11.90 -0.17
CA GLY A 433 11.04 -10.94 0.68
C GLY A 433 9.53 -11.04 0.58
N TYR A 434 8.99 -11.09 -0.64
CA TYR A 434 7.55 -11.16 -0.81
C TYR A 434 6.99 -12.49 -0.32
N ALA A 435 7.70 -13.59 -0.60
CA ALA A 435 7.27 -14.88 -0.09
C ALA A 435 7.48 -14.97 1.43
N GLY A 436 8.56 -14.38 1.94
CA GLY A 436 8.78 -14.39 3.38
C GLY A 436 7.72 -13.60 4.14
N ILE A 437 7.33 -12.45 3.60
CA ILE A 437 6.26 -11.67 4.23
C ILE A 437 4.94 -12.40 4.12
N ALA A 438 4.67 -13.03 2.97
CA ALA A 438 3.44 -13.79 2.80
C ALA A 438 3.36 -14.97 3.76
N TRP A 439 4.50 -15.60 4.07
CA TRP A 439 4.54 -16.65 5.09
C TRP A 439 4.07 -16.09 6.43
N SER A 440 4.70 -15.00 6.88
CA SER A 440 4.48 -14.50 8.23
C SER A 440 3.08 -13.92 8.39
N ILE A 441 2.57 -13.28 7.34
CA ILE A 441 1.31 -12.57 7.39
C ILE A 441 0.15 -13.42 6.88
N GLY A 442 0.31 -14.00 5.70
CA GLY A 442 -0.74 -14.77 5.07
C GLY A 442 -0.64 -16.28 5.18
N GLY A 443 0.35 -16.80 5.92
CA GLY A 443 0.46 -18.23 6.07
C GLY A 443 0.81 -18.98 4.81
N VAL A 444 1.39 -18.30 3.82
CA VAL A 444 1.78 -18.95 2.58
C VAL A 444 2.91 -19.94 2.86
N HIS A 445 2.79 -21.15 2.32
CA HIS A 445 3.73 -22.25 2.55
C HIS A 445 3.76 -22.67 4.02
N ASP A 446 2.69 -22.39 4.75
CA ASP A 446 2.57 -22.79 6.15
C ASP A 446 1.22 -23.45 6.38
N ARG A 447 0.89 -23.74 7.63
CA ARG A 447 -0.39 -24.35 7.99
C ARG A 447 -1.07 -23.52 9.06
N ALA A 448 -2.31 -23.88 9.37
CA ALA A 448 -3.08 -23.19 10.39
C ALA A 448 -2.62 -23.59 11.78
N TRP A 449 -2.91 -22.72 12.75
CA TRP A 449 -2.55 -22.96 14.14
C TRP A 449 -3.74 -22.58 15.01
N GLY A 450 -3.50 -22.48 16.32
CA GLY A 450 -4.59 -22.21 17.24
C GLY A 450 -5.26 -20.88 16.96
N GLU A 451 -6.58 -20.86 17.08
CA GLU A 451 -7.35 -19.66 16.81
C GLU A 451 -7.04 -18.58 17.84
N ARG A 452 -6.83 -17.36 17.38
CA ARG A 452 -6.50 -16.23 18.24
C ARG A 452 -7.28 -15.01 17.79
N GLU A 453 -7.24 -14.00 18.64
CA GLU A 453 -7.88 -12.71 18.40
C GLU A 453 -7.05 -11.97 17.37
N VAL A 454 -7.71 -11.33 16.40
CA VAL A 454 -7.10 -10.49 15.32
C VAL A 454 -6.30 -11.33 14.30
N THR A 455 -5.25 -11.99 14.72
CA THR A 455 -4.39 -12.84 13.84
C THR A 455 -5.13 -14.09 13.42
N GLY A 456 -6.14 -14.54 14.15
CA GLY A 456 -6.85 -15.74 13.72
C GLY A 456 -5.99 -16.98 13.87
N LYS A 457 -5.93 -17.77 12.80
CA LYS A 457 -5.19 -19.03 12.80
C LYS A 457 -3.80 -18.90 12.20
N ILE A 458 -3.36 -17.68 11.89
CA ILE A 458 -1.99 -17.47 11.44
C ILE A 458 -1.03 -17.79 12.58
N ARG A 459 0.15 -18.29 12.23
CA ARG A 459 1.14 -18.67 13.22
C ARG A 459 1.46 -17.50 14.14
N TYR A 460 1.52 -17.78 15.44
CA TYR A 460 1.68 -16.75 16.47
C TYR A 460 3.01 -16.93 17.19
N MET A 461 3.71 -15.81 17.39
CA MET A 461 4.92 -15.78 18.20
C MET A 461 4.75 -14.71 19.28
N SER A 462 5.40 -14.93 20.41
CA SER A 462 5.28 -14.04 21.56
C SER A 462 6.66 -13.64 22.05
N TYR A 463 6.70 -12.50 22.76
CA TYR A 463 7.94 -12.06 23.38
C TYR A 463 8.44 -13.08 24.39
N GLU A 464 7.53 -13.72 25.12
CA GLU A 464 7.91 -14.74 26.08
CA GLU A 464 7.92 -14.74 26.08
C GLU A 464 8.50 -15.97 25.39
N GLY A 465 8.00 -16.30 24.21
CA GLY A 465 8.53 -17.44 23.48
C GLY A 465 9.97 -17.24 23.04
N CYS A 466 10.31 -16.01 22.67
CA CYS A 466 11.70 -15.71 22.30
C CYS A 466 12.63 -15.77 23.50
N LYS A 467 12.12 -15.47 24.70
CA LYS A 467 12.95 -15.49 25.90
C LYS A 467 13.44 -16.90 26.21
N ARG A 468 12.67 -17.92 25.83
CA ARG A 468 13.05 -19.31 26.07
C ARG A 468 13.97 -19.87 24.98
N LYS A 469 14.32 -19.08 23.98
CA LYS A 469 15.18 -19.52 22.90
CA LYS A 469 15.18 -19.52 22.90
C LYS A 469 16.53 -18.82 22.85
N PHE A 470 16.57 -17.53 23.18
CA PHE A 470 17.81 -16.78 23.14
C PHE A 470 17.75 -15.63 24.14
N ASP A 471 18.91 -15.02 24.37
CA ASP A 471 19.02 -13.90 25.29
C ASP A 471 18.42 -12.66 24.63
N VAL A 472 17.15 -12.38 24.94
CA VAL A 472 16.48 -11.22 24.37
C VAL A 472 17.12 -9.93 24.87
N LYS A 473 17.58 -9.92 26.12
CA LYS A 473 18.19 -8.71 26.68
C LYS A 473 19.44 -8.30 25.90
N LEU A 474 20.29 -9.28 25.56
CA LEU A 474 21.51 -8.96 24.82
C LEU A 474 21.18 -8.38 23.45
N TYR A 475 20.17 -8.93 22.78
CA TYR A 475 19.77 -8.41 21.48
C TYR A 475 19.22 -6.99 21.60
N ILE A 476 18.46 -6.71 22.66
CA ILE A 476 17.89 -5.38 22.83
C ILE A 476 18.97 -4.35 23.14
N GLU A 477 19.92 -4.70 24.02
CA GLU A 477 20.97 -3.76 24.40
C GLU A 477 21.92 -3.50 23.23
N LYS A 478 22.04 -4.44 22.30
CA LYS A 478 22.94 -4.25 21.17
C LYS A 478 22.45 -3.15 20.23
N TYR A 479 21.13 -3.02 20.08
CA TYR A 479 20.52 -2.05 19.18
C TYR A 479 19.62 -1.09 19.92
N SER A 480 20.08 -0.61 21.08
CA SER A 480 19.34 0.34 21.91
C SER A 480 17.95 -0.18 22.27
N LEU B 14 -36.18 6.47 26.66
CA LEU B 14 -34.94 6.71 25.94
C LEU B 14 -34.75 8.19 25.65
N VAL B 15 -35.75 8.80 25.00
CA VAL B 15 -35.71 10.22 24.69
C VAL B 15 -36.58 10.97 25.70
N PRO B 16 -36.25 12.21 26.03
CA PRO B 16 -37.06 12.94 27.01
C PRO B 16 -38.39 13.40 26.43
N ARG B 17 -39.29 13.77 27.33
CA ARG B 17 -40.61 14.27 26.92
C ARG B 17 -40.47 15.61 26.21
N GLY B 18 -41.21 15.76 25.12
CA GLY B 18 -41.17 16.99 24.36
C GLY B 18 -39.86 17.29 23.68
N SER B 19 -39.01 16.28 23.48
CA SER B 19 -37.73 16.48 22.83
C SER B 19 -37.81 16.54 21.31
N HIS B 20 -38.94 16.12 20.72
CA HIS B 20 -39.12 16.08 19.27
C HIS B 20 -37.98 15.30 18.62
N MET B 21 -37.65 14.15 19.20
CA MET B 21 -36.52 13.34 18.76
C MET B 21 -37.02 11.98 18.31
N ASN B 22 -36.59 11.57 17.12
CA ASN B 22 -36.88 10.21 16.65
C ASN B 22 -35.90 9.24 17.30
N PRO B 23 -36.38 8.24 18.04
CA PRO B 23 -35.45 7.33 18.73
C PRO B 23 -34.61 6.48 17.79
N LYS B 24 -35.00 6.35 16.52
CA LYS B 24 -34.27 5.50 15.59
C LYS B 24 -32.91 6.08 15.19
N ARG B 25 -32.65 7.36 15.46
CA ARG B 25 -31.35 7.96 15.22
C ARG B 25 -30.33 7.57 16.28
N ILE B 26 -30.73 6.85 17.32
CA ILE B 26 -29.92 6.62 18.51
C ILE B 26 -29.75 5.13 18.71
N ARG B 27 -28.50 4.70 18.90
CA ARG B 27 -28.18 3.30 19.16
C ARG B 27 -27.38 3.21 20.46
N ALA B 28 -27.80 2.31 21.34
CA ALA B 28 -27.14 2.15 22.64
C ALA B 28 -25.87 1.34 22.47
N LEU B 29 -24.75 1.91 22.90
CA LEU B 29 -23.44 1.26 22.78
C LEU B 29 -23.03 0.54 24.06
N LYS B 30 -23.36 1.12 25.22
CA LYS B 30 -23.08 0.50 26.51
C LYS B 30 -24.12 1.00 27.50
N SER B 31 -24.71 0.07 28.25
CA SER B 31 -25.73 0.40 29.24
C SER B 31 -25.14 0.37 30.64
N GLY B 32 -25.54 1.33 31.46
CA GLY B 32 -25.04 1.39 32.82
C GLY B 32 -25.82 2.39 33.63
N LYS B 33 -25.35 2.62 34.86
CA LYS B 33 -25.97 3.57 35.76
C LYS B 33 -25.61 5.00 35.34
N GLN B 34 -26.61 5.83 35.13
CA GLN B 34 -26.38 7.21 34.74
C GLN B 34 -25.73 7.98 35.89
N GLY B 35 -24.63 8.66 35.58
CA GLY B 35 -23.92 9.40 36.61
C GLY B 35 -24.59 10.71 36.96
N ASP B 36 -24.02 11.36 37.98
CA ASP B 36 -24.53 12.64 38.47
C ASP B 36 -23.89 13.83 37.78
N GLY B 37 -22.94 13.61 36.87
CA GLY B 37 -22.21 14.68 36.23
C GLY B 37 -22.80 15.10 34.91
N PRO B 38 -22.07 15.95 34.18
CA PRO B 38 -22.58 16.48 32.91
C PRO B 38 -22.64 15.41 31.83
N VAL B 39 -23.48 15.68 30.83
CA VAL B 39 -23.55 14.84 29.63
C VAL B 39 -22.48 15.30 28.67
N VAL B 40 -21.60 14.37 28.29
CA VAL B 40 -20.42 14.68 27.47
C VAL B 40 -20.69 14.23 26.05
N TYR B 41 -20.58 15.17 25.10
CA TYR B 41 -20.70 14.87 23.68
C TYR B 41 -19.31 14.75 23.08
N TRP B 42 -19.01 13.59 22.50
CA TRP B 42 -17.72 13.35 21.85
C TRP B 42 -17.89 13.65 20.36
N MET B 43 -17.38 14.81 19.94
CA MET B 43 -17.48 15.25 18.55
C MET B 43 -16.33 14.65 17.75
N SER B 44 -16.66 13.90 16.71
CA SER B 44 -15.65 13.31 15.83
C SER B 44 -15.88 13.62 14.36
N ARG B 45 -17.12 13.60 13.89
CA ARG B 45 -17.42 13.74 12.47
C ARG B 45 -18.27 14.95 12.13
N ASP B 46 -19.19 15.35 13.00
CA ASP B 46 -20.08 16.48 12.74
C ASP B 46 -19.59 17.67 13.55
N GLN B 47 -18.67 18.44 12.96
CA GLN B 47 -18.08 19.60 13.64
C GLN B 47 -18.93 20.83 13.36
N ARG B 48 -20.07 20.88 14.04
CA ARG B 48 -20.98 22.01 13.93
C ARG B 48 -21.86 22.06 15.17
N ALA B 49 -22.43 23.23 15.43
CA ALA B 49 -23.35 23.44 16.54
C ALA B 49 -24.81 23.30 16.11
N GLU B 50 -25.21 24.00 15.05
CA GLU B 50 -26.57 23.91 14.55
C GLU B 50 -26.74 22.69 13.65
N ASP B 51 -27.98 22.20 13.58
CA ASP B 51 -28.34 21.06 12.73
C ASP B 51 -27.49 19.83 13.05
N ASN B 52 -27.28 19.59 14.34
CA ASN B 52 -26.53 18.43 14.82
C ASN B 52 -27.45 17.61 15.72
N TRP B 53 -27.86 16.44 15.23
CA TRP B 53 -28.73 15.57 16.03
C TRP B 53 -28.02 15.08 17.28
N ALA B 54 -26.72 14.76 17.17
CA ALA B 54 -25.98 14.27 18.32
C ALA B 54 -25.87 15.33 19.41
N LEU B 55 -25.58 16.58 19.02
CA LEU B 55 -25.51 17.66 20.01
C LEU B 55 -26.87 17.94 20.63
N LEU B 56 -27.92 17.92 19.82
CA LEU B 56 -29.27 18.17 20.34
C LEU B 56 -29.71 17.07 21.30
N PHE B 57 -29.31 15.81 21.03
CA PHE B 57 -29.69 14.72 21.91
C PHE B 57 -28.96 14.81 23.24
N SER B 58 -27.70 15.25 23.22
CA SER B 58 -26.96 15.43 24.47
C SER B 58 -27.60 16.51 25.34
N ARG B 59 -28.10 17.57 24.71
CA ARG B 59 -28.80 18.61 25.46
C ARG B 59 -30.11 18.08 26.04
N ALA B 60 -30.80 17.21 25.30
CA ALA B 60 -32.05 16.65 25.79
C ALA B 60 -31.84 15.80 27.04
N ILE B 61 -30.81 14.96 27.04
CA ILE B 61 -30.48 14.19 28.24
C ILE B 61 -30.09 15.12 29.38
N ALA B 62 -29.27 16.13 29.08
CA ALA B 62 -28.80 17.04 30.11
C ALA B 62 -29.95 17.80 30.75
N LYS B 63 -30.94 18.18 29.95
CA LYS B 63 -32.10 18.89 30.49
C LYS B 63 -32.88 18.03 31.46
N GLU B 64 -33.11 16.76 31.14
CA GLU B 64 -33.90 15.90 32.01
C GLU B 64 -33.16 15.58 33.29
N ALA B 65 -31.84 15.35 33.21
CA ALA B 65 -31.05 14.98 34.38
C ALA B 65 -30.61 16.19 35.19
N ASN B 66 -30.97 17.41 34.78
CA ASN B 66 -30.58 18.64 35.47
C ASN B 66 -29.07 18.77 35.56
N VAL B 67 -28.41 18.58 34.42
CA VAL B 67 -26.96 18.71 34.30
C VAL B 67 -26.63 19.51 33.05
N PRO B 68 -25.46 20.14 33.01
CA PRO B 68 -25.04 20.83 31.79
C PRO B 68 -24.48 19.85 30.77
N VAL B 69 -24.36 20.33 29.53
CA VAL B 69 -23.79 19.55 28.44
C VAL B 69 -22.48 20.20 28.01
N VAL B 70 -21.46 19.37 27.81
CA VAL B 70 -20.16 19.83 27.36
C VAL B 70 -19.76 19.05 26.11
N VAL B 71 -18.87 19.64 25.32
CA VAL B 71 -18.41 19.09 24.07
C VAL B 71 -16.91 18.84 24.17
N VAL B 72 -16.48 17.64 23.79
CA VAL B 72 -15.07 17.26 23.83
C VAL B 72 -14.64 16.83 22.43
N PHE B 73 -13.47 17.31 22.02
CA PHE B 73 -12.88 16.94 20.74
C PHE B 73 -11.48 16.42 20.97
N CYS B 74 -11.12 15.35 20.26
CA CYS B 74 -9.82 14.70 20.40
C CYS B 74 -9.08 14.78 19.09
N LEU B 75 -8.03 15.59 19.03
CA LEU B 75 -7.17 15.70 17.86
C LEU B 75 -5.96 14.81 18.04
N THR B 76 -5.83 13.79 17.21
CA THR B 76 -4.75 12.83 17.35
C THR B 76 -3.45 13.40 16.80
N ASP B 77 -2.33 12.84 17.28
CA ASP B 77 -1.02 13.23 16.79
C ASP B 77 -0.73 12.64 15.41
N GLU B 78 -1.47 11.62 14.99
CA GLU B 78 -1.25 11.02 13.68
C GLU B 78 -1.76 11.91 12.55
N PHE B 79 -2.82 12.68 12.81
CA PHE B 79 -3.38 13.56 11.78
C PHE B 79 -2.45 14.72 11.44
N LEU B 80 -1.55 15.10 12.36
CA LEU B 80 -0.65 16.21 12.09
C LEU B 80 0.41 15.87 11.05
N GLU B 81 0.61 14.59 10.74
CA GLU B 81 1.61 14.17 9.78
C GLU B 81 1.03 13.68 8.46
N ALA B 82 -0.28 13.43 8.39
CA ALA B 82 -0.87 12.88 7.17
C ALA B 82 -1.16 13.99 6.15
N GLY B 83 -2.02 14.94 6.51
CA GLY B 83 -2.36 16.01 5.59
C GLY B 83 -2.37 17.38 6.25
N ILE B 84 -1.51 18.29 5.75
CA ILE B 84 -1.46 19.63 6.30
C ILE B 84 -2.64 20.45 5.82
N ARG B 85 -3.03 20.29 4.56
CA ARG B 85 -4.11 21.10 3.99
C ARG B 85 -5.44 20.83 4.71
N GLN B 86 -5.72 19.56 5.00
CA GLN B 86 -6.93 19.24 5.78
C GLN B 86 -6.81 19.72 7.21
N TYR B 87 -5.59 19.72 7.76
CA TYR B 87 -5.39 20.17 9.14
C TYR B 87 -5.77 21.65 9.30
N GLU B 88 -5.35 22.49 8.34
CA GLU B 88 -5.68 23.91 8.41
C GLU B 88 -7.18 24.14 8.22
N PHE B 89 -7.79 23.39 7.30
CA PHE B 89 -9.23 23.53 7.06
C PHE B 89 -10.03 23.15 8.30
N MET B 90 -9.63 22.08 8.99
CA MET B 90 -10.36 21.63 10.18
C MET B 90 -10.19 22.61 11.33
N LEU B 91 -8.94 23.04 11.59
CA LEU B 91 -8.68 23.87 12.75
C LEU B 91 -9.36 25.23 12.65
N LYS B 92 -9.35 25.83 11.45
CA LYS B 92 -10.03 27.11 11.28
C LYS B 92 -11.54 26.97 11.48
N GLY B 93 -12.11 25.84 11.04
CA GLY B 93 -13.51 25.58 11.30
C GLY B 93 -13.79 25.28 12.76
N LEU B 94 -12.82 24.70 13.47
CA LEU B 94 -12.99 24.43 14.89
C LEU B 94 -12.88 25.70 15.73
N GLN B 95 -12.04 26.66 15.30
CA GLN B 95 -11.93 27.92 16.02
C GLN B 95 -13.25 28.68 16.02
N GLU B 96 -13.94 28.71 14.87
CA GLU B 96 -15.25 29.33 14.80
C GLU B 96 -16.26 28.56 15.64
N LEU B 97 -16.17 27.23 15.63
CA LEU B 97 -17.10 26.41 16.40
C LEU B 97 -16.97 26.67 17.90
N GLU B 98 -15.77 26.99 18.38
CA GLU B 98 -15.60 27.29 19.79
C GLU B 98 -16.38 28.54 20.19
N VAL B 99 -16.36 29.57 19.34
CA VAL B 99 -17.10 30.80 19.63
C VAL B 99 -18.60 30.54 19.56
N SER B 100 -19.04 29.72 18.60
CA SER B 100 -20.46 29.43 18.46
C SER B 100 -21.01 28.71 19.70
N LEU B 101 -20.26 27.75 20.22
CA LEU B 101 -20.70 27.06 21.44
C LEU B 101 -20.57 27.96 22.66
N SER B 102 -19.60 28.87 22.67
CA SER B 102 -19.47 29.80 23.78
C SER B 102 -20.68 30.72 23.87
N ARG B 103 -21.24 31.12 22.73
CA ARG B 103 -22.46 31.91 22.73
C ARG B 103 -23.65 31.11 23.25
N LYS B 104 -23.57 29.78 23.26
CA LYS B 104 -24.60 28.92 23.79
C LYS B 104 -24.27 28.40 25.18
N LYS B 105 -23.29 29.01 25.85
CA LYS B 105 -22.86 28.61 27.20
C LYS B 105 -22.53 27.12 27.27
N ILE B 106 -21.91 26.61 26.23
CA ILE B 106 -21.50 25.21 26.15
C ILE B 106 -19.97 25.18 26.06
N PRO B 107 -19.29 24.81 27.15
CA PRO B 107 -17.84 24.73 27.10
C PRO B 107 -17.36 23.61 26.19
N SER B 108 -16.21 23.83 25.56
CA SER B 108 -15.62 22.86 24.65
C SER B 108 -14.18 22.58 25.07
N PHE B 109 -13.79 21.31 25.02
CA PHE B 109 -12.46 20.87 25.40
C PHE B 109 -11.79 20.18 24.22
N PHE B 110 -10.52 20.51 23.99
CA PHE B 110 -9.74 19.96 22.88
C PHE B 110 -8.54 19.22 23.46
N LEU B 111 -8.52 17.90 23.31
CA LEU B 111 -7.42 17.08 23.78
C LEU B 111 -6.55 16.63 22.62
N ARG B 112 -5.32 16.25 22.96
CA ARG B 112 -4.35 15.74 21.99
C ARG B 112 -3.86 14.38 22.45
N GLY B 113 -4.02 13.38 21.59
CA GLY B 113 -3.55 12.04 21.89
C GLY B 113 -4.53 11.01 21.38
N ASP B 114 -4.40 9.79 21.91
CA ASP B 114 -5.24 8.68 21.50
C ASP B 114 -6.66 8.88 22.02
N PRO B 115 -7.68 8.88 21.16
CA PRO B 115 -9.07 8.99 21.66
C PRO B 115 -9.46 7.83 22.57
N GLY B 116 -8.93 6.63 22.33
CA GLY B 116 -9.27 5.49 23.16
C GLY B 116 -8.78 5.61 24.58
N GLU B 117 -7.77 6.43 24.84
CA GLU B 117 -7.23 6.65 26.17
C GLU B 117 -7.62 7.98 26.78
N LYS B 118 -7.67 9.05 25.98
CA LYS B 118 -7.98 10.37 26.52
C LYS B 118 -9.45 10.52 26.85
N ILE B 119 -10.34 9.97 26.00
CA ILE B 119 -11.77 10.08 26.27
C ILE B 119 -12.15 9.35 27.55
N SER B 120 -11.59 8.15 27.76
CA SER B 120 -11.86 7.42 28.99
C SER B 120 -11.31 8.16 30.20
N ARG B 121 -10.15 8.79 30.05
CA ARG B 121 -9.58 9.57 31.15
C ARG B 121 -10.40 10.83 31.41
N PHE B 122 -10.87 11.49 30.35
CA PHE B 122 -11.65 12.73 30.52
C PHE B 122 -12.96 12.45 31.24
N VAL B 123 -13.63 11.35 30.92
CA VAL B 123 -14.90 11.02 31.56
C VAL B 123 -14.69 10.78 33.04
N LYS B 124 -13.63 10.04 33.41
CA LYS B 124 -13.38 9.77 34.82
C LYS B 124 -12.95 11.04 35.56
N ASP B 125 -12.12 11.87 34.94
CA ASP B 125 -11.64 13.07 35.61
C ASP B 125 -12.75 14.07 35.88
N TYR B 126 -13.61 14.30 34.88
CA TYR B 126 -14.68 15.29 35.00
C TYR B 126 -15.98 14.70 35.53
N ASN B 127 -15.98 13.42 35.90
CA ASN B 127 -17.17 12.75 36.45
C ASN B 127 -18.35 12.83 35.49
N ALA B 128 -18.13 12.32 34.28
CA ALA B 128 -19.15 12.35 33.24
C ALA B 128 -20.33 11.46 33.63
N GLY B 129 -21.54 11.93 33.35
CA GLY B 129 -22.74 11.18 33.63
C GLY B 129 -23.21 10.35 32.45
N THR B 130 -22.99 10.85 31.24
CA THR B 130 -23.41 10.16 30.03
C THR B 130 -22.50 10.61 28.89
N LEU B 131 -22.07 9.65 28.07
CA LEU B 131 -21.19 9.90 26.95
C LEU B 131 -21.95 9.67 25.65
N VAL B 132 -21.90 10.65 24.75
CA VAL B 132 -22.55 10.58 23.44
C VAL B 132 -21.53 10.92 22.37
N THR B 133 -21.60 10.22 21.24
CA THR B 133 -20.71 10.46 20.13
C THR B 133 -21.48 10.32 18.82
N ASP B 134 -20.93 10.92 17.76
CA ASP B 134 -21.52 10.79 16.44
C ASP B 134 -21.12 9.47 15.80
N PHE B 135 -21.73 9.17 14.66
CA PHE B 135 -21.55 7.90 13.99
C PHE B 135 -20.63 8.06 12.78
N SER B 136 -19.66 7.15 12.63
CA SER B 136 -18.78 7.11 11.49
C SER B 136 -18.47 5.64 11.20
N PRO B 137 -18.63 5.18 9.97
CA PRO B 137 -18.35 3.78 9.65
C PRO B 137 -16.87 3.47 9.44
N LEU B 138 -15.99 4.44 9.63
CA LEU B 138 -14.57 4.21 9.42
C LEU B 138 -14.01 3.23 10.45
N ARG B 139 -12.96 2.51 10.05
CA ARG B 139 -12.41 1.46 10.90
C ARG B 139 -11.85 2.03 12.20
N ILE B 140 -11.12 3.15 12.12
CA ILE B 140 -10.46 3.67 13.32
C ILE B 140 -11.47 4.20 14.32
N LYS B 141 -12.62 4.68 13.86
CA LYS B 141 -13.66 5.12 14.78
C LYS B 141 -14.20 3.96 15.61
N ASN B 142 -14.40 2.81 14.97
CA ASN B 142 -14.88 1.62 15.69
CA ASN B 142 -14.88 1.62 15.69
C ASN B 142 -13.85 1.16 16.71
N GLN B 143 -12.58 1.21 16.36
CA GLN B 143 -11.53 0.77 17.29
C GLN B 143 -11.48 1.65 18.54
N TRP B 144 -11.59 2.97 18.36
CA TRP B 144 -11.61 3.87 19.51
C TRP B 144 -12.83 3.62 20.39
N ILE B 145 -13.97 3.33 19.76
CA ILE B 145 -15.21 3.12 20.50
C ILE B 145 -15.09 1.91 21.42
N GLU B 146 -14.54 0.81 20.90
CA GLU B 146 -14.44 -0.42 21.69
C GLU B 146 -13.50 -0.22 22.88
N LYS B 147 -12.40 0.50 22.69
CA LYS B 147 -11.49 0.76 23.80
C LYS B 147 -12.10 1.70 24.82
N VAL B 148 -12.90 2.66 24.37
CA VAL B 148 -13.56 3.59 25.29
C VAL B 148 -14.59 2.86 26.14
N ILE B 149 -15.28 1.88 25.55
CA ILE B 149 -16.29 1.13 26.30
C ILE B 149 -15.66 0.38 27.46
N SER B 150 -14.50 -0.24 27.23
CA SER B 150 -13.84 -1.02 28.28
CA SER B 150 -13.84 -1.02 28.28
C SER B 150 -13.34 -0.14 29.42
N GLY B 151 -13.17 1.17 29.19
CA GLY B 151 -12.65 2.04 30.21
C GLY B 151 -13.69 2.76 31.04
N ILE B 152 -14.87 3.02 30.47
CA ILE B 152 -15.88 3.81 31.14
C ILE B 152 -16.94 2.88 31.73
N SER B 153 -17.70 3.41 32.69
CA SER B 153 -18.83 2.71 33.27
C SER B 153 -20.14 3.47 33.11
N ILE B 154 -20.12 4.68 32.56
CA ILE B 154 -21.33 5.48 32.33
C ILE B 154 -22.00 4.99 31.06
N PRO B 155 -23.30 5.24 30.88
CA PRO B 155 -23.95 4.84 29.62
C PRO B 155 -23.32 5.54 28.42
N PHE B 156 -23.26 4.81 27.31
CA PHE B 156 -22.64 5.29 26.07
C PHE B 156 -23.66 5.21 24.95
N PHE B 157 -23.88 6.33 24.28
CA PHE B 157 -24.83 6.41 23.17
C PHE B 157 -24.10 6.88 21.91
N GLU B 158 -24.65 6.50 20.75
CA GLU B 158 -24.10 6.89 19.46
C GLU B 158 -25.26 7.36 18.57
N VAL B 159 -25.10 8.53 17.97
CA VAL B 159 -26.15 9.18 17.20
C VAL B 159 -25.63 9.43 15.79
N ASP B 160 -26.44 9.06 14.79
CA ASP B 160 -26.12 9.30 13.38
C ASP B 160 -26.56 10.71 13.04
N ALA B 161 -25.64 11.66 13.09
CA ALA B 161 -25.90 13.05 12.74
C ALA B 161 -25.45 13.41 11.33
N HIS B 162 -24.91 12.45 10.58
CA HIS B 162 -24.40 12.71 9.24
C HIS B 162 -25.37 12.32 8.13
N ASN B 163 -26.08 11.22 8.30
CA ASN B 163 -27.01 10.72 7.29
C ASN B 163 -28.43 11.17 7.61
N VAL B 164 -29.19 11.48 6.57
CA VAL B 164 -30.59 11.85 6.75
C VAL B 164 -31.36 10.70 7.35
N VAL B 165 -31.16 9.50 6.83
CA VAL B 165 -31.71 8.27 7.39
C VAL B 165 -30.57 7.51 8.05
N PRO B 166 -30.75 7.01 9.28
CA PRO B 166 -29.64 6.34 9.96
C PRO B 166 -29.13 5.15 9.16
N CYS B 167 -27.81 4.95 9.22
CA CYS B 167 -27.17 3.91 8.40
C CYS B 167 -27.65 2.53 8.79
N TRP B 168 -27.94 2.30 10.07
CA TRP B 168 -28.42 1.00 10.52
C TRP B 168 -29.92 0.81 10.30
N GLU B 169 -30.62 1.85 9.83
CA GLU B 169 -32.05 1.76 9.54
C GLU B 169 -32.37 1.78 8.06
N ALA B 170 -31.58 2.49 7.24
CA ALA B 170 -31.83 2.50 5.80
C ALA B 170 -31.67 1.11 5.20
N SER B 171 -30.64 0.37 5.62
CA SER B 171 -30.43 -0.99 5.16
C SER B 171 -29.69 -1.76 6.25
N GLN B 172 -29.89 -3.08 6.26
CA GLN B 172 -29.26 -3.96 7.23
C GLN B 172 -28.18 -4.83 6.59
N LYS B 173 -27.71 -4.46 5.41
CA LYS B 173 -26.72 -5.26 4.68
C LYS B 173 -26.03 -4.36 3.67
N HIS B 174 -24.95 -4.88 3.09
CA HIS B 174 -24.26 -4.16 2.02
C HIS B 174 -25.12 -4.21 0.75
N GLU B 175 -25.44 -3.04 0.21
CA GLU B 175 -26.29 -2.94 -0.96
C GLU B 175 -25.45 -3.09 -2.23
N TYR B 176 -25.93 -3.93 -3.15
CA TYR B 176 -25.16 -4.21 -4.36
C TYR B 176 -25.09 -3.00 -5.28
N ALA B 177 -26.19 -2.25 -5.39
CA ALA B 177 -26.25 -1.12 -6.31
C ALA B 177 -27.23 -0.09 -5.79
N ALA B 178 -27.16 1.11 -6.39
CA ALA B 178 -28.03 2.21 -5.95
C ALA B 178 -29.49 1.93 -6.27
N HIS B 179 -29.77 1.19 -7.34
CA HIS B 179 -31.16 0.90 -7.70
C HIS B 179 -31.84 -0.01 -6.68
N THR B 180 -31.06 -0.73 -5.86
CA THR B 180 -31.62 -1.48 -4.75
C THR B 180 -31.73 -0.65 -3.48
N PHE B 181 -30.88 0.38 -3.34
CA PHE B 181 -30.91 1.26 -2.18
C PHE B 181 -31.91 2.41 -2.36
N ARG B 182 -32.16 2.81 -3.60
CA ARG B 182 -33.04 3.95 -3.86
C ARG B 182 -34.45 3.75 -3.32
N PRO B 183 -35.17 2.65 -3.59
CA PRO B 183 -36.51 2.51 -3.00
C PRO B 183 -36.51 2.46 -1.49
N LYS B 184 -35.47 1.88 -0.88
CA LYS B 184 -35.43 1.78 0.58
C LYS B 184 -35.22 3.16 1.22
N LEU B 185 -34.27 3.93 0.69
CA LEU B 185 -33.99 5.24 1.27
C LEU B 185 -35.16 6.20 1.07
N TYR B 186 -35.75 6.20 -0.14
CA TYR B 186 -36.84 7.12 -0.42
C TYR B 186 -38.12 6.74 0.32
N ALA B 187 -38.24 5.48 0.75
CA ALA B 187 -39.42 5.08 1.53
C ALA B 187 -39.38 5.64 2.94
N LEU B 188 -38.19 5.77 3.52
CA LEU B 188 -38.03 6.31 4.86
C LEU B 188 -37.87 7.82 4.89
N LEU B 189 -37.75 8.47 3.72
CA LEU B 189 -37.58 9.92 3.71
C LEU B 189 -38.69 10.69 4.41
N PRO B 190 -39.99 10.42 4.19
CA PRO B 190 -41.01 11.23 4.88
C PRO B 190 -40.95 11.15 6.40
N GLU B 191 -40.47 10.03 6.95
CA GLU B 191 -40.37 9.93 8.41
C GLU B 191 -39.21 10.76 8.95
N PHE B 192 -38.05 10.68 8.29
CA PHE B 192 -36.83 11.25 8.85
C PHE B 192 -36.49 12.64 8.32
N LEU B 193 -37.11 13.07 7.22
CA LEU B 193 -36.86 14.41 6.67
C LEU B 193 -37.72 15.40 7.45
N GLU B 194 -37.13 16.01 8.47
CA GLU B 194 -37.84 16.91 9.37
C GLU B 194 -36.99 18.14 9.64
N GLU B 195 -37.64 19.17 10.16
CA GLU B 195 -36.95 20.41 10.50
C GLU B 195 -36.24 20.26 11.84
N PHE B 196 -35.03 20.80 11.92
CA PHE B 196 -34.23 20.71 13.14
C PHE B 196 -34.74 21.69 14.20
N PRO B 197 -34.85 21.26 15.44
CA PRO B 197 -35.11 22.21 16.52
C PRO B 197 -33.88 23.03 16.87
N GLU B 198 -34.11 24.24 17.36
CA GLU B 198 -33.01 25.12 17.71
C GLU B 198 -32.26 24.58 18.91
N LEU B 199 -30.93 24.68 18.87
CA LEU B 199 -30.10 24.21 19.97
C LEU B 199 -30.21 25.17 21.14
N GLU B 200 -30.77 24.69 22.25
CA GLU B 200 -30.98 25.55 23.42
C GLU B 200 -29.68 25.68 24.22
N PRO B 201 -29.38 26.88 24.70
CA PRO B 201 -28.17 27.07 25.52
C PRO B 201 -28.30 26.39 26.87
N ASN B 202 -27.14 26.17 27.49
CA ASN B 202 -27.10 25.50 28.79
C ASN B 202 -27.75 26.37 29.86
N SER B 203 -28.66 25.76 30.62
CA SER B 203 -29.29 26.49 31.72
C SER B 203 -28.45 26.37 32.99
N VAL B 204 -27.82 25.23 33.21
CA VAL B 204 -26.98 25.01 34.37
C VAL B 204 -25.59 25.54 34.08
N THR B 205 -25.05 26.34 35.01
CA THR B 205 -23.68 26.83 34.89
C THR B 205 -22.72 25.72 35.29
N PRO B 206 -21.79 25.30 34.42
CA PRO B 206 -20.83 24.24 34.73
C PRO B 206 -19.70 24.72 35.63
N ASP B 240 3.80 22.20 1.29
CA ASP B 240 2.69 22.28 0.33
C ASP B 240 2.67 23.63 -0.38
N PRO B 241 3.65 23.86 -1.27
CA PRO B 241 3.71 25.16 -1.95
C PRO B 241 2.69 25.32 -3.06
N LEU B 242 2.14 24.22 -3.59
CA LEU B 242 1.19 24.32 -4.69
C LEU B 242 -0.23 24.63 -4.24
N PHE B 243 -0.57 24.34 -2.98
CA PHE B 243 -1.94 24.48 -2.51
C PHE B 243 -2.36 25.95 -2.47
N GLU B 244 -3.57 26.21 -2.92
CA GLU B 244 -4.15 27.56 -2.89
C GLU B 244 -5.26 27.59 -1.86
N PRO B 245 -5.05 28.20 -0.69
CA PRO B 245 -6.02 28.10 0.41
C PRO B 245 -7.14 29.14 0.40
N TRP B 246 -7.26 29.97 -0.64
CA TRP B 246 -8.31 30.97 -0.70
C TRP B 246 -9.53 30.51 -1.49
N HIS B 247 -9.53 29.28 -2.00
CA HIS B 247 -10.65 28.81 -2.80
C HIS B 247 -11.87 28.52 -1.93
N PHE B 248 -11.66 27.99 -0.74
CA PHE B 248 -12.76 27.59 0.15
C PHE B 248 -12.50 28.17 1.53
N GLU B 249 -13.35 29.08 1.98
CA GLU B 249 -13.27 29.60 3.32
C GLU B 249 -13.85 28.58 4.29
N PRO B 250 -13.09 28.08 5.26
CA PRO B 250 -13.62 27.09 6.19
C PRO B 250 -14.46 27.72 7.29
N GLY B 251 -15.31 26.91 7.88
CA GLY B 251 -16.17 27.32 8.98
C GLY B 251 -17.62 26.95 8.75
N GLU B 252 -18.42 27.15 9.79
CA GLU B 252 -19.85 26.88 9.72
C GLU B 252 -20.59 27.97 8.96
N LYS B 253 -20.23 29.23 9.20
CA LYS B 253 -20.92 30.34 8.53
C LYS B 253 -20.63 30.35 7.04
N ALA B 254 -19.38 30.08 6.65
CA ALA B 254 -19.03 30.10 5.24
C ALA B 254 -19.70 28.97 4.48
N ALA B 255 -19.91 27.82 5.12
CA ALA B 255 -20.59 26.71 4.47
C ALA B 255 -22.02 27.08 4.10
N LYS B 256 -22.69 27.85 4.95
CA LYS B 256 -24.04 28.32 4.63
C LYS B 256 -24.03 29.24 3.42
N LYS B 257 -23.03 30.13 3.34
CA LYS B 257 -22.95 31.05 2.22
C LYS B 257 -22.69 30.32 0.91
N VAL B 258 -21.81 29.32 0.92
CA VAL B 258 -21.55 28.52 -0.27
C VAL B 258 -22.81 27.79 -0.70
N MET B 259 -23.50 27.18 0.26
CA MET B 259 -24.74 26.48 -0.06
C MET B 259 -25.78 27.45 -0.62
N GLU B 260 -25.96 28.59 0.03
CA GLU B 260 -26.99 29.54 -0.39
C GLU B 260 -26.76 30.01 -1.82
N SER B 261 -25.50 30.23 -2.19
CA SER B 261 -25.19 30.64 -3.56
C SER B 261 -25.50 29.55 -4.56
N PHE B 262 -25.33 28.28 -4.18
CA PHE B 262 -25.60 27.17 -5.10
C PHE B 262 -27.05 27.13 -5.54
N ILE B 263 -27.98 27.26 -4.58
CA ILE B 263 -29.40 27.29 -4.93
C ILE B 263 -29.73 28.52 -5.78
N ALA B 264 -29.18 29.68 -5.41
CA ALA B 264 -29.55 30.91 -6.10
C ALA B 264 -29.00 30.97 -7.52
N ASP B 265 -27.78 30.49 -7.72
CA ASP B 265 -27.09 30.69 -8.99
C ASP B 265 -26.78 29.41 -9.76
N ARG B 266 -26.49 28.30 -9.09
CA ARG B 266 -25.97 27.12 -9.77
C ARG B 266 -26.93 25.93 -9.78
N LEU B 267 -27.93 25.89 -8.90
CA LEU B 267 -28.81 24.73 -8.82
C LEU B 267 -29.67 24.58 -10.07
N ASP B 268 -30.06 25.68 -10.70
CA ASP B 268 -30.94 25.61 -11.87
C ASP B 268 -30.30 24.86 -13.02
N SER B 269 -29.02 25.11 -13.27
CA SER B 269 -28.30 24.47 -14.38
C SER B 269 -27.49 23.26 -13.92
N TYR B 270 -27.66 22.82 -12.67
CA TYR B 270 -26.88 21.71 -12.16
C TYR B 270 -27.22 20.40 -12.86
N GLY B 271 -28.47 20.22 -13.29
CA GLY B 271 -28.88 18.97 -13.91
C GLY B 271 -28.16 18.69 -15.22
N ALA B 272 -27.84 19.73 -15.99
CA ALA B 272 -27.26 19.58 -17.31
C ALA B 272 -25.74 19.71 -17.34
N LEU B 273 -25.17 20.58 -16.50
CA LEU B 273 -23.75 20.92 -16.59
C LEU B 273 -22.94 20.38 -15.42
N ARG B 274 -23.43 19.35 -14.72
CA ARG B 274 -22.68 18.78 -13.62
C ARG B 274 -21.58 17.83 -14.07
N ASN B 275 -21.57 17.43 -15.34
CA ASN B 275 -20.53 16.58 -15.89
C ASN B 275 -19.47 17.38 -16.65
N ASP B 276 -19.54 18.71 -16.61
CA ASP B 276 -18.62 19.53 -17.39
C ASP B 276 -17.57 20.13 -16.47
N PRO B 277 -16.33 19.65 -16.52
CA PRO B 277 -15.29 20.23 -15.65
C PRO B 277 -14.96 21.68 -15.99
N THR B 278 -15.20 22.10 -17.24
CA THR B 278 -14.91 23.48 -17.62
C THR B 278 -15.85 24.47 -16.94
N LYS B 279 -16.97 23.99 -16.39
CA LYS B 279 -17.96 24.84 -15.75
C LYS B 279 -18.02 24.51 -14.26
N ASN B 280 -17.87 25.54 -13.42
CA ASN B 280 -17.91 25.37 -11.97
C ASN B 280 -19.37 25.46 -11.50
N MET B 281 -20.14 24.46 -11.89
CA MET B 281 -21.57 24.41 -11.62
C MET B 281 -21.93 23.35 -10.58
N LEU B 282 -20.99 23.01 -9.70
CA LEU B 282 -21.27 22.06 -8.62
C LEU B 282 -21.60 22.81 -7.34
N SER B 283 -21.96 22.05 -6.30
CA SER B 283 -22.26 22.63 -5.01
C SER B 283 -21.00 23.04 -4.25
N ASN B 284 -19.88 22.36 -4.49
CA ASN B 284 -18.62 22.58 -3.79
C ASN B 284 -18.77 22.42 -2.28
N LEU B 285 -19.75 21.65 -1.84
CA LEU B 285 -20.04 21.47 -0.43
C LEU B 285 -19.39 20.22 0.15
N SER B 286 -18.70 19.42 -0.66
CA SER B 286 -18.08 18.20 -0.15
C SER B 286 -17.02 18.46 0.93
N PRO B 287 -16.12 19.45 0.81
CA PRO B 287 -15.20 19.68 1.94
C PRO B 287 -15.92 20.07 3.22
N TYR B 288 -17.01 20.84 3.11
CA TYR B 288 -17.77 21.22 4.30
C TYR B 288 -18.58 20.04 4.83
N LEU B 289 -19.13 19.22 3.93
CA LEU B 289 -19.90 18.06 4.36
C LEU B 289 -19.01 16.99 4.98
N HIS B 290 -17.77 16.85 4.48
CA HIS B 290 -16.87 15.82 5.01
C HIS B 290 -16.54 16.06 6.48
N PHE B 291 -16.24 17.31 6.84
CA PHE B 291 -15.89 17.64 8.21
C PHE B 291 -17.11 17.91 9.09
N GLY B 292 -18.32 17.77 8.55
CA GLY B 292 -19.52 18.04 9.31
C GLY B 292 -19.71 19.48 9.71
N GLN B 293 -19.28 20.42 8.87
CA GLN B 293 -19.54 21.83 9.10
C GLN B 293 -20.91 22.26 8.60
N ILE B 294 -21.62 21.38 7.89
CA ILE B 294 -22.97 21.64 7.42
C ILE B 294 -23.70 20.30 7.32
N SER B 295 -24.96 20.29 7.75
CA SER B 295 -25.75 19.07 7.72
C SER B 295 -26.34 18.85 6.34
N SER B 296 -26.18 17.63 5.82
CA SER B 296 -26.78 17.30 4.53
C SER B 296 -28.30 17.36 4.59
N GLN B 297 -28.88 17.10 5.76
CA GLN B 297 -30.32 17.24 5.92
C GLN B 297 -30.75 18.67 5.71
N ARG B 298 -29.98 19.63 6.23
CA ARG B 298 -30.29 21.04 6.01
C ARG B 298 -30.23 21.40 4.53
N VAL B 299 -29.24 20.86 3.81
CA VAL B 299 -29.12 21.13 2.38
C VAL B 299 -30.34 20.59 1.63
N VAL B 300 -30.78 19.38 1.98
CA VAL B 300 -31.92 18.79 1.30
C VAL B 300 -33.20 19.56 1.61
N LEU B 301 -33.35 20.01 2.86
CA LEU B 301 -34.55 20.75 3.24
C LEU B 301 -34.70 22.03 2.46
N GLU B 302 -33.61 22.79 2.31
CA GLU B 302 -33.67 24.04 1.56
C GLU B 302 -33.75 23.81 0.06
N VAL B 303 -33.11 22.75 -0.45
CA VAL B 303 -33.20 22.43 -1.86
C VAL B 303 -34.63 22.01 -2.22
N GLU B 304 -35.31 21.32 -1.29
CA GLU B 304 -36.68 20.92 -1.53
C GLU B 304 -37.60 22.14 -1.66
N LYS B 305 -37.38 23.15 -0.82
CA LYS B 305 -38.23 24.35 -0.86
C LYS B 305 -37.95 25.19 -2.10
N ALA B 306 -36.75 25.09 -2.67
CA ALA B 306 -36.37 25.91 -3.81
C ALA B 306 -37.21 25.58 -5.03
N GLU B 307 -37.59 26.63 -5.78
CA GLU B 307 -38.36 26.48 -7.02
C GLU B 307 -37.37 26.56 -8.18
N SER B 308 -36.90 25.41 -8.62
CA SER B 308 -35.92 25.33 -9.71
C SER B 308 -36.35 24.20 -10.65
N ASN B 309 -35.46 23.82 -11.55
CA ASN B 309 -35.73 22.76 -12.50
C ASN B 309 -35.94 21.43 -11.77
N PRO B 310 -37.09 20.76 -11.95
CA PRO B 310 -37.30 19.49 -11.25
C PRO B 310 -36.25 18.44 -11.57
N GLY B 311 -35.78 18.40 -12.82
CA GLY B 311 -34.71 17.47 -13.14
C GLY B 311 -33.41 17.80 -12.45
N SER B 312 -33.07 19.09 -12.38
CA SER B 312 -31.86 19.50 -11.68
C SER B 312 -31.96 19.20 -10.19
N LYS B 313 -33.12 19.45 -9.59
CA LYS B 313 -33.29 19.15 -8.17
C LYS B 313 -33.18 17.66 -7.89
N LYS B 314 -33.76 16.83 -8.75
CA LYS B 314 -33.68 15.39 -8.56
C LYS B 314 -32.25 14.88 -8.73
N ALA B 315 -31.52 15.44 -9.70
CA ALA B 315 -30.15 15.01 -9.93
C ALA B 315 -29.26 15.32 -8.73
N PHE B 316 -29.42 16.53 -8.15
CA PHE B 316 -28.65 16.87 -6.96
C PHE B 316 -29.07 16.03 -5.76
N LEU B 317 -30.38 15.78 -5.62
CA LEU B 317 -30.87 14.99 -4.49
C LEU B 317 -30.35 13.56 -4.54
N ASP B 318 -30.32 12.97 -5.74
CA ASP B 318 -29.81 11.60 -5.88
C ASP B 318 -28.35 11.51 -5.49
N GLU B 319 -27.60 12.62 -5.60
CA GLU B 319 -26.20 12.61 -5.23
C GLU B 319 -26.00 12.76 -3.73
N ILE B 320 -26.68 13.74 -3.13
CA ILE B 320 -26.47 14.03 -1.71
C ILE B 320 -27.22 13.08 -0.79
N LEU B 321 -28.20 12.34 -1.31
CA LEU B 321 -29.00 11.44 -0.48
C LEU B 321 -28.73 9.97 -0.78
N ILE B 322 -28.77 9.57 -2.06
CA ILE B 322 -28.59 8.16 -2.39
C ILE B 322 -27.12 7.78 -2.32
N TRP B 323 -26.27 8.45 -3.10
CA TRP B 323 -24.87 8.04 -3.20
C TRP B 323 -24.05 8.44 -1.98
N LYS B 324 -24.37 9.58 -1.36
CA LYS B 324 -23.64 9.98 -0.16
C LYS B 324 -23.86 8.99 0.98
N GLU B 325 -25.11 8.54 1.16
CA GLU B 325 -25.43 7.65 2.27
C GLU B 325 -25.13 6.19 1.95
N ILE B 326 -25.16 5.81 0.67
CA ILE B 326 -24.80 4.44 0.31
C ILE B 326 -23.32 4.19 0.48
N SER B 327 -22.50 5.25 0.45
CA SER B 327 -21.08 5.08 0.75
C SER B 327 -20.86 4.73 2.21
N ASP B 328 -21.68 5.31 3.11
CA ASP B 328 -21.63 4.92 4.51
C ASP B 328 -22.04 3.46 4.69
N ASN B 329 -23.02 3.01 3.91
CA ASN B 329 -23.43 1.60 3.96
C ASN B 329 -22.29 0.68 3.53
N PHE B 330 -21.54 1.09 2.49
CA PHE B 330 -20.44 0.28 2.01
C PHE B 330 -19.36 0.10 3.08
N CYS B 331 -19.02 1.17 3.78
CA CYS B 331 -17.98 1.10 4.80
C CYS B 331 -18.46 0.43 6.09
N TYR B 332 -19.75 0.60 6.42
CA TYR B 332 -20.26 0.06 7.68
C TYR B 332 -20.39 -1.45 7.65
N TYR B 333 -20.69 -2.03 6.49
CA TYR B 333 -20.92 -3.47 6.36
C TYR B 333 -19.74 -4.19 5.72
N ASN B 334 -18.72 -3.47 5.28
CA ASN B 334 -17.51 -4.09 4.72
C ASN B 334 -16.29 -3.50 5.44
N PRO B 335 -15.74 -4.20 6.43
CA PRO B 335 -14.56 -3.67 7.13
C PRO B 335 -13.35 -3.50 6.23
N GLY B 336 -13.29 -4.20 5.11
CA GLY B 336 -12.18 -4.05 4.18
C GLY B 336 -12.53 -3.14 3.01
N TYR B 337 -13.22 -2.03 3.30
CA TYR B 337 -13.70 -1.14 2.24
C TYR B 337 -12.58 -0.55 1.41
N ASP B 338 -11.35 -0.48 1.95
CA ASP B 338 -10.21 0.08 1.24
C ASP B 338 -9.28 -0.99 0.69
N GLY B 339 -9.79 -2.20 0.46
CA GLY B 339 -8.97 -3.29 -0.02
C GLY B 339 -9.54 -3.93 -1.26
N PHE B 340 -8.73 -4.79 -1.88
CA PHE B 340 -9.16 -5.50 -3.08
C PHE B 340 -10.24 -6.53 -2.77
N GLU B 341 -10.28 -7.05 -1.54
CA GLU B 341 -11.23 -8.10 -1.20
C GLU B 341 -12.66 -7.58 -1.22
N SER B 342 -12.87 -6.29 -0.97
CA SER B 342 -14.22 -5.73 -0.99
C SER B 342 -14.81 -5.69 -2.39
N PHE B 343 -14.02 -5.90 -3.43
CA PHE B 343 -14.52 -5.86 -4.79
C PHE B 343 -15.47 -7.03 -5.04
N PRO B 344 -16.44 -6.87 -5.92
CA PRO B 344 -17.36 -7.98 -6.23
C PRO B 344 -16.64 -9.14 -6.89
N SER B 345 -17.28 -10.31 -6.83
CA SER B 345 -16.65 -11.53 -7.33
C SER B 345 -16.37 -11.44 -8.83
N TRP B 346 -17.29 -10.85 -9.59
CA TRP B 346 -17.07 -10.72 -11.03
C TRP B 346 -15.88 -9.81 -11.33
N ALA B 347 -15.70 -8.75 -10.55
CA ALA B 347 -14.58 -7.85 -10.77
C ALA B 347 -13.26 -8.48 -10.36
N LYS B 348 -13.24 -9.18 -9.23
CA LYS B 348 -12.00 -9.80 -8.76
C LYS B 348 -11.50 -10.85 -9.74
N GLU B 349 -12.40 -11.68 -10.28
CA GLU B 349 -11.99 -12.69 -11.24
C GLU B 349 -11.46 -12.06 -12.53
N SER B 350 -12.13 -11.01 -13.02
CA SER B 350 -11.69 -10.35 -14.25
C SER B 350 -10.34 -9.69 -14.06
N LEU B 351 -10.15 -8.99 -12.95
CA LEU B 351 -8.87 -8.32 -12.70
C LEU B 351 -7.73 -9.33 -12.53
N ASN B 352 -8.01 -10.45 -11.86
CA ASN B 352 -6.98 -11.47 -11.67
C ASN B 352 -6.56 -12.08 -13.00
N ALA B 353 -7.52 -12.31 -13.91
CA ALA B 353 -7.21 -12.92 -15.19
C ALA B 353 -6.35 -12.02 -16.07
N HIS B 354 -6.34 -10.71 -15.82
CA HIS B 354 -5.56 -9.77 -16.61
C HIS B 354 -4.39 -9.18 -15.84
N ARG B 355 -3.95 -9.87 -14.78
CA ARG B 355 -2.79 -9.40 -14.02
C ARG B 355 -1.52 -9.43 -14.86
N ASN B 356 -1.35 -10.45 -15.69
CA ASN B 356 -0.16 -10.62 -16.51
C ASN B 356 -0.26 -9.89 -17.84
N ASP B 357 -1.35 -9.16 -18.09
CA ASP B 357 -1.47 -8.39 -19.32
C ASP B 357 -0.43 -7.29 -19.37
N VAL B 358 0.13 -7.06 -20.56
CA VAL B 358 1.13 -6.02 -20.73
C VAL B 358 0.46 -4.65 -20.68
N ARG B 359 1.03 -3.75 -19.87
CA ARG B 359 0.48 -2.41 -19.72
C ARG B 359 1.04 -1.48 -20.79
N SER B 360 0.21 -0.55 -21.25
CA SER B 360 0.68 0.45 -22.20
C SER B 360 1.75 1.33 -21.56
N HIS B 361 1.52 1.78 -20.33
CA HIS B 361 2.49 2.54 -19.57
C HIS B 361 2.47 2.06 -18.13
N ILE B 362 3.60 2.22 -17.45
CA ILE B 362 3.73 1.89 -16.03
C ILE B 362 4.33 3.11 -15.33
N TYR B 363 3.58 3.66 -14.38
CA TYR B 363 3.99 4.82 -13.62
C TYR B 363 4.03 4.50 -12.14
N THR B 364 4.98 5.12 -11.44
CA THR B 364 5.11 4.95 -10.00
C THR B 364 4.27 5.99 -9.27
N LEU B 365 4.23 5.88 -7.95
CA LEU B 365 3.46 6.83 -7.14
C LEU B 365 4.00 8.24 -7.29
N GLU B 366 5.33 8.39 -7.31
CA GLU B 366 5.94 9.71 -7.43
C GLU B 366 5.59 10.35 -8.77
N GLU B 367 5.59 9.56 -9.84
CA GLU B 367 5.23 10.09 -11.15
C GLU B 367 3.77 10.49 -11.22
N PHE B 368 2.88 9.70 -10.61
CA PHE B 368 1.47 10.07 -10.55
C PHE B 368 1.27 11.34 -9.72
N GLU B 369 2.00 11.47 -8.62
CA GLU B 369 1.85 12.63 -7.74
C GLU B 369 2.24 13.93 -8.44
N ALA B 370 3.32 13.89 -9.21
CA ALA B 370 3.86 15.09 -9.84
C ALA B 370 3.22 15.42 -11.18
N GLY B 371 2.25 14.63 -11.63
CA GLY B 371 1.62 14.86 -12.91
C GLY B 371 2.58 14.70 -14.08
N LYS B 372 3.29 13.58 -14.10
CA LYS B 372 4.31 13.34 -15.12
C LYS B 372 3.93 12.17 -16.01
N THR B 373 2.67 12.12 -16.43
CA THR B 373 2.20 11.09 -17.35
C THR B 373 2.09 11.65 -18.77
N HIS B 374 1.93 10.73 -19.73
CA HIS B 374 1.78 11.12 -21.12
C HIS B 374 0.40 11.69 -21.43
N ASP B 375 -0.54 11.62 -20.49
CA ASP B 375 -1.90 12.11 -20.71
C ASP B 375 -1.99 13.54 -20.22
N PRO B 376 -2.26 14.53 -21.08
CA PRO B 376 -2.44 15.90 -20.58
C PRO B 376 -3.71 16.07 -19.78
N LEU B 377 -4.79 15.36 -20.15
CA LEU B 377 -6.04 15.46 -19.40
C LEU B 377 -5.89 14.91 -17.99
N TRP B 378 -5.18 13.78 -17.85
CA TRP B 378 -4.94 13.23 -16.52
C TRP B 378 -4.07 14.17 -15.68
N ASN B 379 -3.03 14.73 -16.29
CA ASN B 379 -2.16 15.65 -15.57
C ASN B 379 -2.91 16.90 -15.14
N ALA B 380 -3.80 17.40 -16.00
CA ALA B 380 -4.62 18.54 -15.63
C ALA B 380 -5.54 18.20 -14.47
N SER B 381 -6.06 16.98 -14.43
CA SER B 381 -6.89 16.55 -13.31
C SER B 381 -6.09 16.54 -12.01
N GLN B 382 -4.85 16.02 -12.07
CA GLN B 382 -4.00 16.04 -10.88
C GLN B 382 -3.61 17.46 -10.50
N MET B 383 -3.39 18.32 -11.50
CA MET B 383 -3.01 19.69 -11.22
C MET B 383 -4.13 20.44 -10.49
N GLU B 384 -5.38 20.19 -10.88
CA GLU B 384 -6.51 20.78 -10.16
C GLU B 384 -6.56 20.29 -8.72
N LEU B 385 -6.27 19.00 -8.51
CA LEU B 385 -6.26 18.45 -7.15
C LEU B 385 -5.16 19.08 -6.32
N LEU B 386 -3.97 19.26 -6.89
CA LEU B 386 -2.86 19.84 -6.13
C LEU B 386 -3.10 21.31 -5.82
N SER B 387 -3.68 22.04 -6.77
CA SER B 387 -3.85 23.49 -6.60
C SER B 387 -5.07 23.82 -5.75
N THR B 388 -6.24 23.39 -6.19
CA THR B 388 -7.48 23.75 -5.51
C THR B 388 -7.88 22.81 -4.39
N GLY B 389 -7.32 21.59 -4.37
CA GLY B 389 -7.69 20.63 -3.35
C GLY B 389 -9.03 19.95 -3.56
N LYS B 390 -9.65 20.13 -4.74
CA LYS B 390 -10.95 19.54 -5.01
C LYS B 390 -11.05 19.34 -6.52
N MET B 391 -10.86 18.10 -6.96
CA MET B 391 -10.99 17.75 -8.37
C MET B 391 -12.45 17.70 -8.77
N HIS B 392 -12.71 17.96 -10.04
CA HIS B 392 -14.06 17.87 -10.57
C HIS B 392 -14.57 16.44 -10.51
N GLY B 393 -15.87 16.30 -10.24
CA GLY B 393 -16.45 14.98 -10.03
C GLY B 393 -16.27 14.07 -11.23
N TYR B 394 -16.41 14.62 -12.44
CA TYR B 394 -16.30 13.79 -13.64
C TYR B 394 -14.87 13.33 -13.86
N THR B 395 -13.90 14.23 -13.74
CA THR B 395 -12.51 13.88 -14.01
C THR B 395 -11.93 12.95 -12.96
N ARG B 396 -12.57 12.84 -11.79
CA ARG B 396 -12.05 11.95 -10.75
CA ARG B 396 -12.05 11.94 -10.75
C ARG B 396 -12.10 10.50 -11.19
N MET B 397 -13.15 10.11 -11.92
CA MET B 397 -13.24 8.76 -12.46
C MET B 397 -12.09 8.48 -13.42
N TYR B 398 -11.91 9.37 -14.41
CA TYR B 398 -10.83 9.22 -15.36
C TYR B 398 -9.47 9.25 -14.67
N TRP B 399 -9.35 10.07 -13.63
CA TRP B 399 -8.12 10.10 -12.86
C TRP B 399 -7.86 8.76 -12.18
N ALA B 400 -8.90 8.20 -11.55
CA ALA B 400 -8.73 6.93 -10.84
C ALA B 400 -8.68 5.74 -11.80
N LYS B 401 -9.48 5.78 -12.86
CA LYS B 401 -9.51 4.66 -13.79
C LYS B 401 -8.23 4.56 -14.61
N LYS B 402 -7.62 5.70 -14.94
CA LYS B 402 -6.36 5.67 -15.68
C LYS B 402 -5.21 5.18 -14.82
N ILE B 403 -5.30 5.37 -13.50
CA ILE B 403 -4.28 4.83 -12.60
C ILE B 403 -4.26 3.31 -12.69
N LEU B 404 -5.44 2.69 -12.73
CA LEU B 404 -5.52 1.25 -12.88
C LEU B 404 -4.92 0.79 -14.20
N GLU B 405 -5.16 1.55 -15.28
CA GLU B 405 -4.63 1.17 -16.59
C GLU B 405 -3.10 1.27 -16.63
N TRP B 406 -2.54 2.24 -15.93
CA TRP B 406 -1.10 2.52 -15.99
C TRP B 406 -0.38 2.16 -14.70
N SER B 407 -0.76 1.04 -14.09
CA SER B 407 -0.10 0.53 -12.91
C SER B 407 0.21 -0.95 -13.12
N GLU B 408 1.23 -1.43 -12.39
CA GLU B 408 1.68 -2.81 -12.57
C GLU B 408 0.64 -3.81 -12.08
N SER B 409 -0.10 -3.48 -11.03
CA SER B 409 -1.08 -4.38 -10.45
C SER B 409 -2.27 -3.59 -9.97
N PRO B 410 -3.46 -4.21 -9.88
CA PRO B 410 -4.61 -3.50 -9.30
C PRO B 410 -4.40 -3.08 -7.86
N GLU B 411 -3.65 -3.86 -7.08
CA GLU B 411 -3.39 -3.50 -5.69
C GLU B 411 -2.60 -2.20 -5.59
N LYS B 412 -1.58 -2.05 -6.44
CA LYS B 412 -0.85 -0.78 -6.48
C LYS B 412 -1.73 0.36 -6.97
N ALA B 413 -2.64 0.07 -7.90
CA ALA B 413 -3.54 1.11 -8.41
C ALA B 413 -4.43 1.65 -7.30
N LEU B 414 -5.03 0.75 -6.51
CA LEU B 414 -5.84 1.21 -5.39
C LEU B 414 -4.98 1.80 -4.28
N GLU B 415 -3.74 1.34 -4.16
CA GLU B 415 -2.80 1.95 -3.21
C GLU B 415 -2.50 3.39 -3.60
N ILE B 416 -2.19 3.62 -4.88
CA ILE B 416 -1.84 4.96 -5.33
C ILE B 416 -3.06 5.88 -5.32
N ALA B 417 -4.21 5.38 -5.77
CA ALA B 417 -5.42 6.21 -5.83
C ALA B 417 -5.85 6.64 -4.44
N ILE B 418 -5.83 5.72 -3.47
CA ILE B 418 -6.22 6.07 -2.11
C ILE B 418 -5.21 7.04 -1.50
N CYS B 419 -3.92 6.82 -1.74
CA CYS B 419 -2.89 7.69 -1.17
C CYS B 419 -3.03 9.12 -1.67
N LEU B 420 -3.20 9.30 -2.97
CA LEU B 420 -3.35 10.65 -3.52
C LEU B 420 -4.67 11.27 -3.12
N ASN B 421 -5.74 10.47 -3.05
CA ASN B 421 -7.05 10.99 -2.68
C ASN B 421 -7.07 11.44 -1.23
N ASP B 422 -6.59 10.59 -0.31
CA ASP B 422 -6.64 10.93 1.10
C ASP B 422 -5.66 12.02 1.50
N ARG B 423 -4.63 12.27 0.68
CA ARG B 423 -3.63 13.27 1.01
C ARG B 423 -4.00 14.67 0.53
N TYR B 424 -4.51 14.79 -0.70
CA TYR B 424 -4.70 16.09 -1.33
C TYR B 424 -6.14 16.54 -1.44
N GLU B 425 -7.11 15.63 -1.31
CA GLU B 425 -8.52 16.02 -1.35
C GLU B 425 -8.94 16.59 0.00
N LEU B 426 -9.59 17.76 -0.03
CA LEU B 426 -10.13 18.33 1.20
C LEU B 426 -11.23 17.43 1.77
N ASP B 427 -12.04 16.85 0.89
CA ASP B 427 -13.07 15.89 1.30
C ASP B 427 -12.53 14.47 1.40
N GLY B 428 -11.21 14.30 1.45
CA GLY B 428 -10.62 12.99 1.55
C GLY B 428 -10.80 12.38 2.93
N ARG B 429 -10.31 11.14 3.05
CA ARG B 429 -10.47 10.37 4.29
C ARG B 429 -11.94 10.26 4.68
N ASP B 430 -12.79 10.04 3.68
CA ASP B 430 -14.23 9.99 3.84
C ASP B 430 -14.77 8.70 3.24
N PRO B 431 -15.88 8.18 3.77
CA PRO B 431 -16.49 6.98 3.14
C PRO B 431 -16.86 7.20 1.68
N ASN B 432 -17.17 8.43 1.28
CA ASN B 432 -17.41 8.71 -0.13
C ASN B 432 -16.15 8.46 -0.96
N GLY B 433 -14.98 8.78 -0.40
CA GLY B 433 -13.73 8.57 -1.14
C GLY B 433 -13.43 7.09 -1.34
N TYR B 434 -13.58 6.28 -0.30
CA TYR B 434 -13.29 4.86 -0.42
C TYR B 434 -14.30 4.18 -1.35
N ALA B 435 -15.58 4.53 -1.24
CA ALA B 435 -16.58 3.97 -2.14
C ALA B 435 -16.40 4.50 -3.56
N GLY B 436 -16.03 5.79 -3.69
CA GLY B 436 -15.82 6.34 -5.01
C GLY B 436 -14.66 5.70 -5.74
N ILE B 437 -13.56 5.44 -5.03
CA ILE B 437 -12.42 4.76 -5.63
C ILE B 437 -12.79 3.30 -5.94
N ALA B 438 -13.55 2.66 -5.05
CA ALA B 438 -13.97 1.29 -5.29
C ALA B 438 -14.87 1.20 -6.53
N TRP B 439 -15.71 2.21 -6.75
CA TRP B 439 -16.52 2.24 -7.97
C TRP B 439 -15.63 2.33 -9.21
N SER B 440 -14.61 3.18 -9.16
CA SER B 440 -13.78 3.40 -10.35
C SER B 440 -12.86 2.21 -10.63
N ILE B 441 -12.27 1.64 -9.60
CA ILE B 441 -11.28 0.58 -9.78
C ILE B 441 -11.91 -0.80 -9.68
N GLY B 442 -12.70 -1.04 -8.64
CA GLY B 442 -13.29 -2.35 -8.40
C GLY B 442 -14.71 -2.53 -8.89
N GLY B 443 -15.34 -1.50 -9.43
CA GLY B 443 -16.68 -1.64 -9.95
C GLY B 443 -17.75 -1.83 -8.89
N VAL B 444 -17.48 -1.42 -7.65
CA VAL B 444 -18.48 -1.52 -6.59
C VAL B 444 -19.62 -0.56 -6.91
N HIS B 445 -20.85 -1.05 -6.75
CA HIS B 445 -22.08 -0.32 -7.09
C HIS B 445 -22.17 -0.04 -8.59
N ASP B 446 -21.46 -0.81 -9.40
CA ASP B 446 -21.49 -0.71 -10.86
C ASP B 446 -21.73 -2.09 -11.44
N ARG B 447 -21.71 -2.18 -12.77
CA ARG B 447 -21.90 -3.43 -13.48
C ARG B 447 -20.73 -3.66 -14.42
N ALA B 448 -20.68 -4.87 -14.99
CA ALA B 448 -19.60 -5.25 -15.88
C ALA B 448 -19.80 -4.65 -17.27
N TRP B 449 -18.68 -4.45 -17.97
CA TRP B 449 -18.71 -3.95 -19.34
C TRP B 449 -17.84 -4.82 -20.22
N GLY B 450 -17.61 -4.39 -21.47
CA GLY B 450 -16.83 -5.16 -22.41
C GLY B 450 -15.44 -5.49 -21.92
N GLU B 451 -15.04 -6.77 -22.03
CA GLU B 451 -13.75 -7.21 -21.54
C GLU B 451 -12.63 -6.58 -22.35
N ARG B 452 -11.63 -6.04 -21.65
CA ARG B 452 -10.48 -5.39 -22.26
C ARG B 452 -9.21 -5.87 -21.58
N GLU B 453 -8.13 -5.58 -22.27
CA GLU B 453 -6.77 -5.90 -21.82
C GLU B 453 -6.51 -5.11 -20.55
N VAL B 454 -5.96 -5.80 -19.55
CA VAL B 454 -5.52 -5.25 -18.24
C VAL B 454 -6.66 -4.85 -17.31
N THR B 455 -7.55 -3.96 -17.74
CA THR B 455 -8.70 -3.42 -16.99
C THR B 455 -9.79 -4.47 -16.85
N GLY B 456 -9.83 -5.44 -17.76
CA GLY B 456 -10.83 -6.49 -17.72
C GLY B 456 -12.21 -5.97 -18.04
N LYS B 457 -13.19 -6.33 -17.21
CA LYS B 457 -14.58 -5.95 -17.42
C LYS B 457 -14.98 -4.70 -16.63
N ILE B 458 -14.03 -4.04 -15.97
CA ILE B 458 -14.32 -2.79 -15.29
C ILE B 458 -14.66 -1.72 -16.33
N ARG B 459 -15.49 -0.77 -15.94
CA ARG B 459 -15.91 0.30 -16.84
C ARG B 459 -14.69 1.04 -17.39
N TYR B 460 -14.70 1.29 -18.70
CA TYR B 460 -13.56 1.87 -19.39
C TYR B 460 -13.84 3.33 -19.74
N MET B 461 -12.81 4.15 -19.63
CA MET B 461 -12.86 5.54 -20.05
C MET B 461 -11.69 5.82 -20.99
N SER B 462 -11.93 6.70 -21.96
CA SER B 462 -10.94 7.00 -22.99
C SER B 462 -10.76 8.50 -23.11
N TYR B 463 -9.57 8.90 -23.55
CA TYR B 463 -9.31 10.31 -23.82
C TYR B 463 -10.22 10.85 -24.93
N GLU B 464 -10.59 9.99 -25.88
CA GLU B 464 -11.53 10.39 -26.92
C GLU B 464 -12.95 10.50 -26.39
N GLY B 465 -13.29 9.72 -25.36
CA GLY B 465 -14.63 9.78 -24.80
C GLY B 465 -14.92 11.11 -24.14
N CYS B 466 -13.95 11.65 -23.39
CA CYS B 466 -14.13 12.94 -22.76
C CYS B 466 -14.19 14.09 -23.77
N LYS B 467 -13.61 13.90 -24.95
CA LYS B 467 -13.62 14.97 -25.96
C LYS B 467 -15.02 15.17 -26.53
N ARG B 468 -15.85 14.13 -26.53
CA ARG B 468 -17.19 14.22 -27.08
C ARG B 468 -18.19 14.87 -26.13
N LYS B 469 -17.79 15.14 -24.89
CA LYS B 469 -18.72 15.65 -23.88
C LYS B 469 -18.38 17.03 -23.36
N PHE B 470 -17.11 17.46 -23.43
CA PHE B 470 -16.74 18.78 -22.95
C PHE B 470 -15.44 19.20 -23.62
N ASP B 471 -15.13 20.49 -23.52
CA ASP B 471 -13.92 21.07 -24.11
C ASP B 471 -12.73 20.70 -23.24
N VAL B 472 -12.03 19.63 -23.61
CA VAL B 472 -10.87 19.19 -22.85
C VAL B 472 -9.73 20.21 -22.96
N LYS B 473 -9.63 20.91 -24.09
CA LYS B 473 -8.56 21.89 -24.26
C LYS B 473 -8.66 23.01 -23.24
N LEU B 474 -9.88 23.48 -22.96
CA LEU B 474 -10.07 24.50 -21.95
C LEU B 474 -9.68 23.99 -20.56
N TYR B 475 -10.05 22.74 -20.26
CA TYR B 475 -9.72 22.17 -18.96
C TYR B 475 -8.21 22.00 -18.80
N ILE B 476 -7.53 21.56 -19.86
CA ILE B 476 -6.08 21.37 -19.78
C ILE B 476 -5.38 22.71 -19.65
N GLU B 477 -5.81 23.71 -20.42
CA GLU B 477 -5.18 25.02 -20.35
C GLU B 477 -5.47 25.74 -19.04
N LYS B 478 -6.56 25.41 -18.37
CA LYS B 478 -6.89 26.07 -17.11
C LYS B 478 -5.92 25.70 -16.01
N TYR B 479 -5.41 24.46 -16.02
CA TYR B 479 -4.51 23.97 -14.99
C TYR B 479 -3.15 23.60 -15.56
N SER B 480 -2.62 24.46 -16.42
CA SER B 480 -1.31 24.23 -17.02
C SER B 480 -0.20 24.74 -16.11
P TTD C 7 7.06 -28.43 5.72
OP1 TTD C 7 7.00 -27.34 4.68
OP2 TTD C 7 7.81 -29.70 5.42
O5' TTD C 7 7.72 -27.80 7.04
C5' TTD C 7 7.65 -26.41 7.34
C4R TTD C 7 8.78 -26.11 8.31
O4' TTD C 7 9.85 -25.41 7.67
C3R TTD C 7 8.34 -25.26 9.49
O3R TTD C 7 8.67 -25.99 10.67
C2' TTD C 7 9.22 -24.03 9.44
C1' TTD C 7 10.40 -24.50 8.61
N1 TTD C 7 10.97 -23.39 8.00
C2 TTD C 7 12.28 -23.39 7.81
O2 TTD C 7 12.96 -24.33 8.23
N3 TTD C 7 12.86 -22.41 7.09
C4 TTD C 7 12.21 -21.45 6.42
O4 TTD C 7 12.80 -20.71 5.63
C5 TTD C 7 10.72 -21.27 6.57
C5A TTD C 7 9.96 -21.22 5.23
C6 TTD C 7 10.14 -22.23 7.61
PB TTD C 7 8.06 -25.61 12.11
O5P TTD C 7 8.47 -26.69 13.08
O4P TTD C 7 6.60 -25.28 11.93
O5R TTD C 7 8.83 -24.26 12.53
C5R TTD C 7 10.23 -24.23 12.78
O4R TTD C 7 11.50 -22.23 12.06
C2R TTD C 7 9.73 -20.67 12.31
C1R TTD C 7 11.17 -20.85 11.85
N1T TTD C 7 11.37 -20.61 10.40
C2T TTD C 7 12.62 -19.99 10.09
O2T TTD C 7 13.58 -20.30 10.79
N3T TTD C 7 12.77 -19.15 9.07
C4T TTD C 7 11.81 -18.77 8.23
O4T TTD C 7 11.99 -17.86 7.42
C5T TTD C 7 10.47 -19.48 8.28
C5M TTD C 7 9.58 -18.24 8.23
C6T TTD C 7 10.23 -20.30 9.53
C4' TTD C 7 10.66 -22.79 13.09
C3' TTD C 7 9.47 -21.87 13.21
O3' TTD C 7 9.38 -21.45 14.57
PA FAD G . 21.04 -17.76 5.99
O1A FAD G . 22.52 -17.77 5.87
O2A FAD G . 20.47 -18.73 7.04
O5B FAD G . 20.35 -18.03 4.60
C5B FAD G . 21.10 -18.52 3.47
C4B FAD G . 20.35 -18.17 2.22
O4B FAD G . 19.16 -18.98 2.13
C3B FAD G . 19.86 -16.72 2.16
O3B FAD G . 20.85 -15.87 1.61
C2B FAD G . 18.64 -16.85 1.24
O2B FAD G . 19.00 -16.84 -0.14
C1B FAD G . 18.07 -18.21 1.64
N9A FAD G . 17.05 -18.15 2.68
C8A FAD G . 17.23 -18.27 4.03
N7A FAD G . 16.12 -18.18 4.74
C5A FAD G . 15.15 -17.99 3.77
C6A FAD G . 13.75 -17.82 3.86
N6A FAD G . 13.08 -17.81 5.02
N1A FAD G . 13.07 -17.65 2.71
C2A FAD G . 13.74 -17.65 1.55
N3A FAD G . 15.05 -17.80 1.35
C4A FAD G . 15.70 -17.96 2.51
N1 FAD G . 15.27 -12.38 2.14
C2 FAD G . 15.71 -11.60 1.13
O2 FAD G . 16.63 -11.97 0.40
N3 FAD G . 15.18 -10.37 0.89
C4 FAD G . 14.16 -9.86 1.66
O4 FAD G . 13.71 -8.75 1.40
C4X FAD G . 13.66 -10.65 2.71
N5 FAD G . 12.78 -10.21 3.55
C5X FAD G . 12.12 -11.07 4.38
C6 FAD G . 10.97 -10.67 5.07
C7 FAD G . 10.39 -11.47 6.01
C7M FAD G . 9.14 -11.01 6.73
C8 FAD G . 10.94 -12.74 6.29
C8M FAD G . 10.31 -13.64 7.31
C9 FAD G . 12.08 -13.15 5.62
C9A FAD G . 12.68 -12.34 4.66
N10 FAD G . 13.74 -12.79 3.85
C10 FAD G . 14.29 -11.93 2.90
C1' FAD G . 14.33 -14.06 4.03
C2' FAD G . 15.35 -14.17 5.15
O2' FAD G . 15.04 -13.28 6.22
C3' FAD G . 16.74 -13.85 4.61
O3' FAD G . 16.95 -14.57 3.40
C4' FAD G . 17.88 -14.19 5.58
O4' FAD G . 17.47 -13.87 6.91
C5' FAD G . 19.16 -13.47 5.24
O5' FAD G . 20.20 -13.86 6.17
P FAD G . 21.23 -14.98 5.81
O1P FAD G . 21.37 -15.10 4.29
O2P FAD G . 22.50 -14.76 6.54
O3P FAD G . 20.54 -16.31 6.34
S SO4 H . 19.62 4.92 3.77
O1 SO4 H . 20.19 5.01 2.44
O2 SO4 H . 18.80 6.10 4.03
O3 SO4 H . 20.70 4.87 4.75
O4 SO4 H . 18.81 3.72 3.88
PA FAD I . -21.96 17.61 -6.24
O1A FAD I . -22.41 18.96 -5.86
O2A FAD I . -22.44 17.12 -7.62
O5B FAD I . -22.36 16.55 -5.14
C5B FAD I . -23.10 16.95 -3.96
C4B FAD I . -22.88 15.90 -2.90
O4B FAD I . -23.27 14.61 -3.40
C3B FAD I . -21.44 15.72 -2.45
O3B FAD I . -21.09 16.67 -1.43
C2B FAD I . -21.45 14.29 -1.90
O2B FAD I . -21.91 14.23 -0.56
C1B FAD I . -22.45 13.60 -2.85
N9A FAD I . -21.83 12.85 -3.93
C8A FAD I . -21.64 13.27 -5.22
N7A FAD I . -21.06 12.38 -5.99
C5A FAD I . -20.85 11.29 -5.14
C6A FAD I . -20.27 10.03 -5.34
N6A FAD I . -19.77 9.61 -6.51
N1A FAD I . -20.22 9.19 -4.28
C2A FAD I . -20.71 9.60 -3.11
N3A FAD I . -21.28 10.77 -2.81
C4A FAD I . -21.32 11.58 -3.87
N1 FAD I . -16.33 12.53 -2.39
C2 FAD I . -15.89 12.99 -1.18
O2 FAD I . -16.62 13.66 -0.44
N3 FAD I . -14.60 12.72 -0.77
C4 FAD I . -13.66 12.00 -1.48
O4 FAD I . -12.53 11.82 -1.02
C4X FAD I . -14.13 11.51 -2.76
N5 FAD I . -13.31 10.82 -3.50
C5X FAD I . -13.76 10.35 -4.72
C6 FAD I . -12.89 9.61 -5.52
C7 FAD I . -13.29 9.12 -6.75
C7M FAD I . -12.33 8.33 -7.59
C8 FAD I . -14.60 9.38 -7.21
C8M FAD I . -15.07 8.87 -8.54
C9 FAD I . -15.47 10.12 -6.41
C9A FAD I . -15.06 10.61 -5.18
N10 FAD I . -15.92 11.37 -4.35
C10 FAD I . -15.49 11.84 -3.13
C1' FAD I . -17.30 11.66 -4.76
C2' FAD I . -17.41 12.90 -5.66
O2' FAD I . -16.22 13.08 -6.43
C3' FAD I . -17.65 14.14 -4.81
O3' FAD I . -18.78 13.91 -3.97
C4' FAD I . -17.86 15.42 -5.61
O4' FAD I . -17.11 15.35 -6.82
C5' FAD I . -17.49 16.67 -4.83
O5' FAD I . -18.03 17.82 -5.52
P FAD I . -19.48 18.35 -5.22
O1P FAD I . -19.89 17.95 -3.80
O2P FAD I . -19.57 19.80 -5.50
O3P FAD I . -20.38 17.54 -6.23
#